data_2N4D
#
_entry.id   2N4D
#
_entity_poly.entity_id   1
_entity_poly.type   'polypeptide(L)'
_entity_poly.pdbx_seq_one_letter_code
;MGSSHHHHHHSSGRENLYFQGAGLSFHVEDMTCGHCAGVIKGAIEKTVPGAAVHADPASRTVVVGGVSDAAHIAEIITAA
GYTPE
;
_entity_poly.pdbx_strand_id   A
#
# COMPACT_ATOMS: atom_id res chain seq x y z
N ALA A 22 -14.44 -1.58 -1.22
CA ALA A 22 -14.35 -3.01 -1.49
C ALA A 22 -13.22 -3.31 -2.48
N GLY A 23 -11.98 -3.13 -2.03
CA GLY A 23 -10.84 -3.40 -2.89
C GLY A 23 -9.87 -4.38 -2.27
N LEU A 24 -8.58 -4.04 -2.33
CA LEU A 24 -7.55 -4.89 -1.74
C LEU A 24 -7.06 -4.32 -0.41
N SER A 25 -6.75 -5.20 0.53
CA SER A 25 -6.24 -4.77 1.84
C SER A 25 -4.93 -5.47 2.17
N PHE A 26 -3.94 -4.68 2.58
CA PHE A 26 -2.66 -5.24 3.00
C PHE A 26 -2.28 -4.73 4.39
N HIS A 27 -1.75 -5.62 5.21
CA HIS A 27 -1.45 -5.29 6.61
C HIS A 27 0.00 -5.66 6.94
N VAL A 28 0.76 -4.67 7.41
CA VAL A 28 2.17 -4.87 7.70
C VAL A 28 2.51 -4.42 9.12
N GLU A 29 2.94 -5.36 9.94
CA GLU A 29 3.21 -5.09 11.35
C GLU A 29 4.52 -4.34 11.52
N ASP A 30 5.50 -4.68 10.68
CA ASP A 30 6.87 -4.17 10.85
C ASP A 30 7.05 -2.85 10.11
N MET A 31 5.96 -2.34 9.54
CA MET A 31 6.00 -1.09 8.78
C MET A 31 6.20 0.10 9.71
N THR A 32 7.28 0.84 9.51
CA THR A 32 7.45 2.13 10.17
C THR A 32 6.37 3.11 9.73
N CYS A 33 5.82 3.85 10.69
CA CYS A 33 4.60 4.61 10.46
C CYS A 33 4.92 6.09 10.26
N GLY A 34 4.32 6.68 9.24
CA GLY A 34 4.58 8.08 8.93
C GLY A 34 5.73 8.25 7.95
N HIS A 35 6.34 7.13 7.56
CA HIS A 35 7.49 7.17 6.67
C HIS A 35 7.35 6.13 5.56
N CYS A 36 6.11 5.78 5.24
CA CYS A 36 5.84 4.71 4.29
C CYS A 36 4.54 4.97 3.53
N ALA A 37 3.58 5.58 4.20
CA ALA A 37 2.27 5.83 3.61
C ALA A 37 2.40 6.70 2.36
N GLY A 38 3.23 7.73 2.44
CA GLY A 38 3.44 8.61 1.30
C GLY A 38 4.06 7.88 0.13
N VAL A 39 5.03 7.02 0.40
CA VAL A 39 5.73 6.29 -0.64
C VAL A 39 4.81 5.27 -1.30
N ILE A 40 4.14 4.47 -0.48
CA ILE A 40 3.29 3.39 -0.99
C ILE A 40 2.08 3.95 -1.74
N LYS A 41 1.47 4.99 -1.17
CA LYS A 41 0.30 5.60 -1.77
C LYS A 41 0.61 6.15 -3.15
N GLY A 42 1.68 6.94 -3.25
CA GLY A 42 2.08 7.51 -4.52
C GLY A 42 2.51 6.44 -5.52
N ALA A 43 3.21 5.43 -5.01
CA ALA A 43 3.76 4.39 -5.88
C ALA A 43 2.66 3.61 -6.56
N ILE A 44 1.63 3.24 -5.80
CA ILE A 44 0.51 2.47 -6.35
C ILE A 44 -0.37 3.35 -7.23
N GLU A 45 -0.71 4.55 -6.74
CA GLU A 45 -1.59 5.46 -7.46
C GLU A 45 -0.99 5.84 -8.80
N LYS A 46 0.34 6.02 -8.83
CA LYS A 46 1.03 6.43 -10.03
C LYS A 46 0.88 5.41 -11.14
N THR A 47 0.90 4.13 -10.77
CA THR A 47 0.84 3.04 -11.74
C THR A 47 -0.59 2.53 -11.90
N VAL A 48 -1.44 2.88 -10.94
CA VAL A 48 -2.84 2.47 -10.98
C VAL A 48 -3.77 3.68 -10.95
N PRO A 49 -4.12 4.19 -12.15
CA PRO A 49 -4.96 5.38 -12.28
C PRO A 49 -6.42 5.12 -11.92
N GLY A 50 -7.07 6.11 -11.34
CA GLY A 50 -8.49 5.99 -11.03
C GLY A 50 -8.72 5.36 -9.67
N ALA A 51 -8.33 4.10 -9.54
CA ALA A 51 -8.43 3.40 -8.26
C ALA A 51 -7.76 4.20 -7.15
N ALA A 52 -8.46 4.35 -6.03
CA ALA A 52 -8.01 5.23 -4.95
C ALA A 52 -7.19 4.46 -3.93
N VAL A 53 -5.99 4.96 -3.64
CA VAL A 53 -5.10 4.31 -2.69
C VAL A 53 -5.08 5.04 -1.35
N HIS A 54 -5.43 4.33 -0.29
CA HIS A 54 -5.45 4.92 1.05
C HIS A 54 -4.56 4.11 1.99
N ALA A 55 -3.40 4.67 2.33
CA ALA A 55 -2.49 4.03 3.27
C ALA A 55 -2.59 4.69 4.65
N ASP A 56 -2.84 3.87 5.67
CA ASP A 56 -2.90 4.36 7.04
C ASP A 56 -1.86 3.67 7.92
N PRO A 57 -0.77 4.39 8.21
CA PRO A 57 0.32 3.88 9.05
C PRO A 57 -0.08 3.80 10.52
N ALA A 58 -1.11 4.55 10.90
CA ALA A 58 -1.65 4.48 12.25
C ALA A 58 -2.25 3.11 12.53
N SER A 59 -2.90 2.53 11.54
CA SER A 59 -3.44 1.18 11.65
C SER A 59 -2.49 0.15 11.04
N ARG A 60 -1.45 0.65 10.37
CA ARG A 60 -0.47 -0.22 9.73
C ARG A 60 -1.11 -1.01 8.59
N THR A 61 -2.05 -0.38 7.90
CA THR A 61 -2.82 -1.06 6.86
C THR A 61 -2.93 -0.20 5.60
N VAL A 62 -2.74 -0.81 4.45
CA VAL A 62 -2.90 -0.13 3.17
C VAL A 62 -4.07 -0.70 2.37
N VAL A 63 -5.01 0.17 2.03
CA VAL A 63 -6.20 -0.26 1.29
C VAL A 63 -6.26 0.39 -0.08
N VAL A 64 -6.50 -0.42 -1.11
CA VAL A 64 -6.69 0.09 -2.47
C VAL A 64 -8.08 -0.21 -3.00
N GLY A 65 -8.86 0.84 -3.23
CA GLY A 65 -10.26 0.66 -3.58
C GLY A 65 -10.45 0.33 -5.05
N GLY A 66 -11.61 -0.20 -5.39
CA GLY A 66 -11.91 -0.52 -6.78
C GLY A 66 -11.30 -1.84 -7.21
N VAL A 67 -10.33 -1.78 -8.12
CA VAL A 67 -9.64 -2.98 -8.58
C VAL A 67 -8.17 -2.67 -8.90
N SER A 68 -7.30 -3.59 -8.55
CA SER A 68 -5.87 -3.43 -8.84
C SER A 68 -5.17 -4.79 -8.85
N ASP A 69 -4.13 -4.90 -9.67
CA ASP A 69 -3.25 -6.07 -9.64
C ASP A 69 -2.54 -6.19 -8.30
N ALA A 70 -2.96 -7.17 -7.50
CA ALA A 70 -2.42 -7.33 -6.16
C ALA A 70 -0.93 -7.65 -6.19
N ALA A 71 -0.51 -8.37 -7.22
CA ALA A 71 0.89 -8.74 -7.38
C ALA A 71 1.77 -7.50 -7.52
N HIS A 72 1.29 -6.52 -8.27
CA HIS A 72 2.02 -5.28 -8.49
C HIS A 72 2.11 -4.47 -7.20
N ILE A 73 1.01 -4.42 -6.46
CA ILE A 73 0.99 -3.73 -5.17
C ILE A 73 1.94 -4.40 -4.18
N ALA A 74 1.97 -5.72 -4.19
CA ALA A 74 2.83 -6.48 -3.29
C ALA A 74 4.30 -6.20 -3.57
N GLU A 75 4.64 -6.07 -4.85
CA GLU A 75 5.99 -5.71 -5.25
C GLU A 75 6.33 -4.30 -4.77
N ILE A 76 5.35 -3.41 -4.81
CA ILE A 76 5.54 -2.03 -4.38
C ILE A 76 5.82 -1.96 -2.88
N ILE A 77 5.01 -2.68 -2.10
CA ILE A 77 5.17 -2.70 -0.65
C ILE A 77 6.52 -3.30 -0.25
N THR A 78 6.89 -4.39 -0.89
CA THR A 78 8.18 -5.01 -0.66
C THR A 78 9.32 -4.09 -1.10
N ALA A 79 9.13 -3.41 -2.22
CA ALA A 79 10.13 -2.50 -2.75
C ALA A 79 10.37 -1.34 -1.79
N ALA A 80 9.32 -0.92 -1.09
CA ALA A 80 9.44 0.11 -0.07
C ALA A 80 10.11 -0.44 1.18
N GLY A 81 10.23 -1.76 1.25
CA GLY A 81 11.03 -2.37 2.31
C GLY A 81 10.21 -2.62 3.57
N TYR A 82 8.89 -2.59 3.43
CA TYR A 82 8.00 -2.79 4.57
C TYR A 82 7.14 -4.02 4.37
N THR A 83 7.69 -5.19 4.69
CA THR A 83 6.92 -6.43 4.70
C THR A 83 6.72 -6.95 6.12
N PRO A 84 5.61 -7.66 6.34
CA PRO A 84 5.23 -8.14 7.67
C PRO A 84 6.03 -9.37 8.11
N GLU A 85 5.96 -9.68 9.40
CA GLU A 85 6.69 -10.82 9.93
C GLU A 85 6.27 -12.11 9.23
N ALA A 22 -14.20 -1.58 -0.92
CA ALA A 22 -14.12 -3.01 -1.17
C ALA A 22 -13.01 -3.33 -2.17
N GLY A 23 -11.78 -3.17 -1.73
CA GLY A 23 -10.64 -3.45 -2.60
C GLY A 23 -9.67 -4.43 -1.98
N LEU A 24 -8.38 -4.14 -2.08
CA LEU A 24 -7.34 -4.99 -1.48
C LEU A 24 -6.90 -4.43 -0.13
N SER A 25 -6.64 -5.33 0.81
CA SER A 25 -6.19 -4.93 2.14
C SER A 25 -4.85 -5.59 2.47
N PHE A 26 -3.89 -4.78 2.89
CA PHE A 26 -2.60 -5.29 3.36
C PHE A 26 -2.30 -4.80 4.77
N HIS A 27 -1.73 -5.67 5.59
CA HIS A 27 -1.45 -5.34 6.99
C HIS A 27 -0.01 -5.70 7.34
N VAL A 28 0.73 -4.71 7.84
CA VAL A 28 2.16 -4.89 8.13
C VAL A 28 2.50 -4.42 9.53
N GLU A 29 2.95 -5.34 10.37
CA GLU A 29 3.21 -5.03 11.77
C GLU A 29 4.50 -4.24 11.92
N ASP A 30 5.49 -4.56 11.09
CA ASP A 30 6.84 -4.01 11.23
C ASP A 30 6.99 -2.72 10.43
N MET A 31 5.89 -2.26 9.85
CA MET A 31 5.91 -1.05 9.03
C MET A 31 6.17 0.18 9.89
N THR A 32 7.26 0.88 9.59
CA THR A 32 7.48 2.22 10.13
C THR A 32 6.41 3.19 9.64
N CYS A 33 5.89 3.99 10.56
CA CYS A 33 4.68 4.78 10.29
C CYS A 33 5.04 6.24 10.01
N GLY A 34 4.42 6.80 8.96
CA GLY A 34 4.72 8.16 8.58
C GLY A 34 5.80 8.25 7.52
N HIS A 35 6.29 7.09 7.09
CA HIS A 35 7.37 7.04 6.11
C HIS A 35 7.12 5.93 5.09
N CYS A 36 5.85 5.65 4.83
CA CYS A 36 5.48 4.53 3.96
C CYS A 36 4.17 4.82 3.24
N ALA A 37 3.27 5.55 3.91
CA ALA A 37 1.98 5.89 3.32
C ALA A 37 2.16 6.73 2.05
N GLY A 38 3.05 7.72 2.12
CA GLY A 38 3.32 8.54 0.95
C GLY A 38 3.93 7.74 -0.19
N VAL A 39 4.84 6.84 0.14
CA VAL A 39 5.55 6.05 -0.86
C VAL A 39 4.61 5.06 -1.54
N ILE A 40 3.87 4.30 -0.73
CA ILE A 40 3.00 3.26 -1.25
C ILE A 40 1.86 3.86 -2.07
N LYS A 41 1.24 4.91 -1.55
CA LYS A 41 0.13 5.58 -2.22
C LYS A 41 0.55 6.10 -3.58
N GLY A 42 1.62 6.90 -3.60
CA GLY A 42 2.09 7.48 -4.84
C GLY A 42 2.52 6.42 -5.84
N ALA A 43 3.21 5.39 -5.36
CA ALA A 43 3.78 4.38 -6.23
C ALA A 43 2.67 3.60 -6.96
N ILE A 44 1.63 3.24 -6.21
CA ILE A 44 0.52 2.48 -6.79
C ILE A 44 -0.32 3.36 -7.69
N GLU A 45 -0.74 4.51 -7.18
CA GLU A 45 -1.65 5.38 -7.91
C GLU A 45 -1.00 5.94 -9.17
N LYS A 46 0.32 6.10 -9.12
CA LYS A 46 1.08 6.57 -10.28
C LYS A 46 0.95 5.58 -11.43
N THR A 47 0.97 4.29 -11.11
CA THR A 47 0.94 3.25 -12.13
C THR A 47 -0.47 2.72 -12.34
N VAL A 48 -1.34 2.98 -11.38
CA VAL A 48 -2.74 2.55 -11.48
C VAL A 48 -3.68 3.74 -11.29
N PRO A 49 -4.06 4.37 -12.42
CA PRO A 49 -4.91 5.56 -12.39
C PRO A 49 -6.35 5.25 -11.99
N GLY A 50 -6.97 6.17 -11.27
CA GLY A 50 -8.36 6.00 -10.88
C GLY A 50 -8.51 5.33 -9.54
N ALA A 51 -7.96 4.13 -9.41
CA ALA A 51 -7.97 3.41 -8.16
C ALA A 51 -7.35 4.24 -7.04
N ALA A 52 -8.07 4.37 -5.92
CA ALA A 52 -7.63 5.22 -4.83
C ALA A 52 -6.95 4.40 -3.74
N VAL A 53 -5.75 4.82 -3.36
CA VAL A 53 -4.99 4.12 -2.32
C VAL A 53 -5.01 4.90 -1.02
N HIS A 54 -5.44 4.23 0.05
CA HIS A 54 -5.48 4.85 1.37
C HIS A 54 -4.64 4.06 2.37
N ALA A 55 -3.45 4.57 2.68
CA ALA A 55 -2.57 3.93 3.65
C ALA A 55 -2.69 4.59 5.02
N ASP A 56 -2.96 3.78 6.04
CA ASP A 56 -3.02 4.27 7.41
C ASP A 56 -2.00 3.55 8.28
N PRO A 57 -0.83 4.18 8.47
CA PRO A 57 0.24 3.61 9.29
C PRO A 57 -0.08 3.63 10.77
N ALA A 58 -1.02 4.49 11.16
CA ALA A 58 -1.54 4.50 12.53
C ALA A 58 -2.21 3.18 12.86
N SER A 59 -2.88 2.59 11.89
CA SER A 59 -3.46 1.26 12.05
C SER A 59 -2.54 0.19 11.45
N ARG A 60 -1.50 0.63 10.76
CA ARG A 60 -0.55 -0.29 10.14
C ARG A 60 -1.22 -1.08 9.02
N THR A 61 -2.18 -0.45 8.34
CA THR A 61 -2.95 -1.14 7.31
C THR A 61 -3.07 -0.28 6.05
N VAL A 62 -2.86 -0.90 4.89
CA VAL A 62 -2.98 -0.20 3.62
C VAL A 62 -4.14 -0.77 2.81
N VAL A 63 -5.06 0.11 2.41
CA VAL A 63 -6.21 -0.29 1.62
C VAL A 63 -6.15 0.30 0.22
N VAL A 64 -6.37 -0.54 -0.79
CA VAL A 64 -6.46 -0.08 -2.17
C VAL A 64 -7.85 -0.33 -2.74
N GLY A 65 -8.58 0.75 -3.00
CA GLY A 65 -9.97 0.63 -3.39
C GLY A 65 -10.14 0.37 -4.87
N GLY A 66 -11.32 -0.09 -5.26
CA GLY A 66 -11.59 -0.36 -6.66
C GLY A 66 -11.04 -1.69 -7.13
N VAL A 67 -10.08 -1.65 -8.03
CA VAL A 67 -9.41 -2.86 -8.50
C VAL A 67 -7.97 -2.58 -8.88
N SER A 68 -7.08 -3.51 -8.53
CA SER A 68 -5.67 -3.38 -8.85
C SER A 68 -4.96 -4.73 -8.80
N ASP A 69 -4.05 -4.95 -9.73
CA ASP A 69 -3.19 -6.13 -9.70
C ASP A 69 -2.40 -6.19 -8.39
N ALA A 70 -2.75 -7.15 -7.54
CA ALA A 70 -2.15 -7.27 -6.22
C ALA A 70 -0.66 -7.58 -6.32
N ALA A 71 -0.28 -8.29 -7.38
CA ALA A 71 1.11 -8.65 -7.60
C ALA A 71 1.99 -7.42 -7.75
N HIS A 72 1.48 -6.42 -8.48
CA HIS A 72 2.21 -5.17 -8.67
C HIS A 72 2.29 -4.39 -7.37
N ILE A 73 1.19 -4.38 -6.62
CA ILE A 73 1.16 -3.72 -5.32
C ILE A 73 2.14 -4.38 -4.35
N ALA A 74 2.20 -5.71 -4.39
CA ALA A 74 3.07 -6.47 -3.50
C ALA A 74 4.54 -6.14 -3.75
N GLU A 75 4.89 -6.00 -5.03
CA GLU A 75 6.24 -5.58 -5.41
C GLU A 75 6.54 -4.18 -4.90
N ILE A 76 5.53 -3.31 -4.93
CA ILE A 76 5.69 -1.94 -4.47
C ILE A 76 5.94 -1.89 -2.97
N ILE A 77 5.11 -2.60 -2.21
CA ILE A 77 5.21 -2.59 -0.76
C ILE A 77 6.53 -3.20 -0.29
N THR A 78 6.93 -4.30 -0.93
CA THR A 78 8.23 -4.90 -0.67
C THR A 78 9.35 -3.94 -1.04
N ALA A 79 9.18 -3.24 -2.16
CA ALA A 79 10.18 -2.28 -2.61
C ALA A 79 10.33 -1.14 -1.61
N ALA A 80 9.23 -0.77 -0.96
CA ALA A 80 9.26 0.23 0.10
C ALA A 80 9.86 -0.35 1.38
N GLY A 81 10.01 -1.67 1.41
CA GLY A 81 10.76 -2.30 2.48
C GLY A 81 9.89 -2.62 3.69
N TYR A 82 8.58 -2.59 3.48
CA TYR A 82 7.63 -2.84 4.57
C TYR A 82 6.78 -4.07 4.27
N THR A 83 7.37 -5.24 4.42
CA THR A 83 6.64 -6.49 4.28
C THR A 83 6.13 -6.99 5.63
N PRO A 84 5.00 -7.70 5.62
CA PRO A 84 4.39 -8.25 6.83
C PRO A 84 5.14 -9.47 7.37
N GLU A 85 4.92 -9.77 8.63
CA GLU A 85 5.55 -10.93 9.26
C GLU A 85 5.15 -12.22 8.52
N ALA A 22 -14.92 -1.19 -1.27
CA ALA A 22 -14.82 -2.63 -1.48
C ALA A 22 -13.70 -2.95 -2.47
N GLY A 23 -12.46 -2.81 -2.02
CA GLY A 23 -11.32 -3.11 -2.86
C GLY A 23 -10.40 -4.14 -2.25
N LEU A 24 -9.10 -3.90 -2.34
CA LEU A 24 -8.11 -4.80 -1.76
C LEU A 24 -7.50 -4.19 -0.50
N SER A 25 -7.20 -5.04 0.49
CA SER A 25 -6.61 -4.57 1.74
C SER A 25 -5.32 -5.34 2.05
N PHE A 26 -4.28 -4.60 2.38
CA PHE A 26 -2.98 -5.20 2.67
C PHE A 26 -2.45 -4.72 4.02
N HIS A 27 -1.91 -5.65 4.80
CA HIS A 27 -1.51 -5.35 6.18
C HIS A 27 -0.01 -5.61 6.37
N VAL A 28 0.70 -4.59 6.86
CA VAL A 28 2.13 -4.71 7.10
C VAL A 28 2.46 -4.59 8.58
N GLU A 29 3.10 -5.61 9.13
CA GLU A 29 3.37 -5.67 10.56
C GLU A 29 4.49 -4.71 10.94
N ASP A 30 5.50 -4.61 10.07
CA ASP A 30 6.70 -3.84 10.37
C ASP A 30 6.65 -2.49 9.67
N MET A 31 5.44 -1.97 9.45
CA MET A 31 5.26 -0.70 8.75
C MET A 31 5.68 0.47 9.62
N THR A 32 6.80 1.09 9.27
CA THR A 32 7.20 2.35 9.89
C THR A 32 6.27 3.48 9.47
N CYS A 33 5.86 4.30 10.43
CA CYS A 33 4.79 5.27 10.22
C CYS A 33 5.35 6.59 9.73
N GLY A 34 4.80 7.09 8.62
CA GLY A 34 5.26 8.35 8.07
C GLY A 34 6.39 8.16 7.08
N HIS A 35 6.84 6.92 6.92
CA HIS A 35 7.99 6.62 6.06
C HIS A 35 7.67 5.47 5.12
N CYS A 36 6.39 5.13 5.00
CA CYS A 36 5.97 4.00 4.20
C CYS A 36 4.59 4.24 3.58
N ALA A 37 3.73 4.89 4.34
CA ALA A 37 2.37 5.18 3.89
C ALA A 37 2.39 6.05 2.64
N GLY A 38 3.22 7.09 2.66
CA GLY A 38 3.36 7.95 1.49
C GLY A 38 3.95 7.22 0.30
N VAL A 39 4.93 6.36 0.56
CA VAL A 39 5.61 5.63 -0.50
C VAL A 39 4.67 4.68 -1.21
N ILE A 40 3.96 3.86 -0.42
CA ILE A 40 3.06 2.86 -0.97
C ILE A 40 1.87 3.53 -1.68
N LYS A 41 1.29 4.53 -1.05
CA LYS A 41 0.14 5.22 -1.59
C LYS A 41 0.44 5.81 -2.96
N GLY A 42 1.51 6.60 -3.03
CA GLY A 42 1.89 7.24 -4.27
C GLY A 42 2.30 6.23 -5.34
N ALA A 43 3.05 5.22 -4.93
CA ALA A 43 3.58 4.23 -5.87
C ALA A 43 2.44 3.46 -6.55
N ILE A 44 1.43 3.11 -5.76
CA ILE A 44 0.25 2.42 -6.30
C ILE A 44 -0.59 3.37 -7.15
N GLU A 45 -0.78 4.59 -6.65
CA GLU A 45 -1.58 5.58 -7.36
C GLU A 45 -1.08 5.77 -8.79
N LYS A 46 0.23 5.78 -8.96
CA LYS A 46 0.84 5.98 -10.27
C LYS A 46 0.48 4.83 -11.21
N THR A 47 0.34 3.63 -10.65
CA THR A 47 0.05 2.44 -11.44
C THR A 47 -1.44 2.18 -11.50
N VAL A 48 -2.18 2.78 -10.58
CA VAL A 48 -3.63 2.59 -10.51
C VAL A 48 -4.35 3.93 -10.55
N PRO A 49 -4.59 4.44 -11.77
CA PRO A 49 -5.26 5.73 -11.96
C PRO A 49 -6.76 5.66 -11.66
N GLY A 50 -7.28 6.74 -11.10
CA GLY A 50 -8.71 6.81 -10.83
C GLY A 50 -9.08 6.18 -9.51
N ALA A 51 -8.88 4.87 -9.40
CA ALA A 51 -9.11 4.16 -8.15
C ALA A 51 -8.38 4.81 -6.99
N ALA A 52 -9.03 4.88 -5.84
CA ALA A 52 -8.50 5.63 -4.71
C ALA A 52 -7.65 4.74 -3.81
N VAL A 53 -6.41 5.17 -3.55
CA VAL A 53 -5.52 4.42 -2.68
C VAL A 53 -5.29 5.16 -1.36
N HIS A 54 -5.58 4.48 -0.25
CA HIS A 54 -5.45 5.08 1.07
C HIS A 54 -4.57 4.22 1.98
N ALA A 55 -3.41 4.75 2.35
CA ALA A 55 -2.53 4.07 3.29
C ALA A 55 -2.56 4.75 4.66
N ASP A 56 -2.80 3.96 5.70
CA ASP A 56 -2.81 4.48 7.06
C ASP A 56 -1.74 3.81 7.91
N PRO A 57 -0.72 4.59 8.30
CA PRO A 57 0.39 4.10 9.12
C PRO A 57 -0.02 3.87 10.57
N ALA A 58 -1.10 4.52 10.98
CA ALA A 58 -1.67 4.30 12.31
C ALA A 58 -2.22 2.88 12.44
N SER A 59 -2.82 2.38 11.37
CA SER A 59 -3.32 1.01 11.34
C SER A 59 -2.32 0.08 10.64
N ARG A 60 -1.25 0.67 10.12
CA ARG A 60 -0.24 -0.09 9.37
C ARG A 60 -0.89 -0.85 8.23
N THR A 61 -1.89 -0.25 7.60
CA THR A 61 -2.70 -0.93 6.60
C THR A 61 -2.96 -0.03 5.39
N VAL A 62 -2.87 -0.61 4.19
CA VAL A 62 -3.16 0.12 2.97
C VAL A 62 -4.33 -0.52 2.21
N VAL A 63 -5.29 0.31 1.82
CA VAL A 63 -6.45 -0.17 1.08
C VAL A 63 -6.52 0.46 -0.30
N VAL A 64 -6.72 -0.38 -1.32
CA VAL A 64 -6.85 0.11 -2.69
C VAL A 64 -8.25 -0.14 -3.23
N GLY A 65 -8.96 0.95 -3.56
CA GLY A 65 -10.34 0.82 -3.98
C GLY A 65 -10.46 0.28 -5.39
N GLY A 66 -11.58 -0.40 -5.67
CA GLY A 66 -11.82 -0.92 -7.00
C GLY A 66 -11.11 -2.23 -7.24
N VAL A 67 -10.06 -2.21 -8.06
CA VAL A 67 -9.28 -3.40 -8.34
C VAL A 67 -7.84 -3.03 -8.69
N SER A 68 -6.90 -3.86 -8.26
CA SER A 68 -5.48 -3.64 -8.53
C SER A 68 -4.71 -4.96 -8.49
N ASP A 69 -3.71 -5.07 -9.35
CA ASP A 69 -2.82 -6.23 -9.35
C ASP A 69 -2.03 -6.31 -8.04
N ALA A 70 -2.36 -7.30 -7.22
CA ALA A 70 -1.74 -7.44 -5.91
C ALA A 70 -0.24 -7.71 -6.05
N ALA A 71 0.15 -8.31 -7.16
CA ALA A 71 1.55 -8.65 -7.40
C ALA A 71 2.43 -7.41 -7.41
N HIS A 72 1.95 -6.36 -8.07
CA HIS A 72 2.68 -5.11 -8.14
C HIS A 72 2.67 -4.38 -6.80
N ILE A 73 1.54 -4.47 -6.10
CA ILE A 73 1.41 -3.87 -4.77
C ILE A 73 2.37 -4.52 -3.78
N ALA A 74 2.50 -5.84 -3.88
CA ALA A 74 3.42 -6.58 -3.03
C ALA A 74 4.86 -6.19 -3.30
N GLU A 75 5.19 -5.98 -4.58
CA GLU A 75 6.51 -5.50 -4.96
C GLU A 75 6.76 -4.10 -4.42
N ILE A 76 5.73 -3.27 -4.43
CA ILE A 76 5.83 -1.91 -3.91
C ILE A 76 6.10 -1.92 -2.41
N ILE A 77 5.36 -2.75 -1.68
CA ILE A 77 5.54 -2.86 -0.24
C ILE A 77 6.94 -3.36 0.11
N THR A 78 7.40 -4.37 -0.62
CA THR A 78 8.75 -4.90 -0.44
C THR A 78 9.80 -3.86 -0.82
N ALA A 79 9.53 -3.13 -1.90
CA ALA A 79 10.47 -2.13 -2.41
C ALA A 79 10.68 -1.02 -1.39
N ALA A 80 9.66 -0.72 -0.60
CA ALA A 80 9.77 0.25 0.48
C ALA A 80 10.53 -0.33 1.66
N GLY A 81 10.70 -1.65 1.66
CA GLY A 81 11.51 -2.30 2.67
C GLY A 81 10.73 -2.62 3.92
N TYR A 82 9.40 -2.57 3.82
CA TYR A 82 8.54 -2.81 4.97
C TYR A 82 7.57 -3.95 4.67
N THR A 83 8.05 -5.18 4.81
CA THR A 83 7.20 -6.37 4.67
C THR A 83 6.71 -6.86 6.01
N PRO A 84 5.52 -7.47 6.02
CA PRO A 84 4.92 -8.03 7.24
C PRO A 84 5.59 -9.34 7.66
N GLU A 85 5.38 -9.72 8.93
CA GLU A 85 5.95 -10.95 9.45
C GLU A 85 5.49 -12.16 8.63
N ALA A 22 -14.37 -1.63 -1.10
CA ALA A 22 -14.27 -3.06 -1.38
C ALA A 22 -13.14 -3.35 -2.36
N GLY A 23 -11.90 -3.17 -1.90
CA GLY A 23 -10.75 -3.43 -2.75
C GLY A 23 -9.79 -4.42 -2.12
N LEU A 24 -8.50 -4.10 -2.19
CA LEU A 24 -7.47 -4.94 -1.60
C LEU A 24 -7.03 -4.40 -0.25
N SER A 25 -6.75 -5.31 0.69
CA SER A 25 -6.28 -4.91 2.02
C SER A 25 -4.96 -5.59 2.34
N PHE A 26 -3.99 -4.79 2.76
CA PHE A 26 -2.70 -5.32 3.21
C PHE A 26 -2.37 -4.83 4.62
N HIS A 27 -1.81 -5.71 5.43
CA HIS A 27 -1.51 -5.40 6.83
C HIS A 27 -0.06 -5.74 7.17
N VAL A 28 0.68 -4.75 7.65
CA VAL A 28 2.10 -4.92 7.91
C VAL A 28 2.46 -4.48 9.32
N GLU A 29 2.92 -5.43 10.14
CA GLU A 29 3.22 -5.16 11.53
C GLU A 29 4.53 -4.40 11.68
N ASP A 30 5.49 -4.72 10.82
CA ASP A 30 6.84 -4.20 10.95
C ASP A 30 7.00 -2.86 10.21
N MET A 31 5.88 -2.36 9.69
CA MET A 31 5.90 -1.12 8.92
C MET A 31 6.16 0.08 9.83
N THR A 32 7.26 0.79 9.56
CA THR A 32 7.47 2.11 10.13
C THR A 32 6.42 3.10 9.65
N CYS A 33 5.89 3.91 10.56
CA CYS A 33 4.69 4.68 10.30
C CYS A 33 5.03 6.14 10.02
N GLY A 34 4.42 6.70 8.97
CA GLY A 34 4.70 8.06 8.59
C GLY A 34 5.79 8.16 7.53
N HIS A 35 6.32 7.00 7.13
CA HIS A 35 7.42 6.97 6.17
C HIS A 35 7.17 5.92 5.10
N CYS A 36 5.90 5.64 4.83
CA CYS A 36 5.52 4.54 3.96
C CYS A 36 4.22 4.86 3.22
N ALA A 37 3.33 5.58 3.88
CA ALA A 37 2.04 5.92 3.30
C ALA A 37 2.20 6.75 2.03
N GLY A 38 3.09 7.74 2.08
CA GLY A 38 3.35 8.55 0.91
C GLY A 38 3.95 7.76 -0.22
N VAL A 39 4.86 6.85 0.11
CA VAL A 39 5.56 6.06 -0.90
C VAL A 39 4.61 5.08 -1.58
N ILE A 40 3.88 4.32 -0.77
CA ILE A 40 2.99 3.29 -1.29
C ILE A 40 1.86 3.89 -2.10
N LYS A 41 1.25 4.94 -1.56
CA LYS A 41 0.13 5.61 -2.22
C LYS A 41 0.55 6.14 -3.58
N GLY A 42 1.63 6.92 -3.60
CA GLY A 42 2.11 7.50 -4.84
C GLY A 42 2.54 6.46 -5.85
N ALA A 43 3.23 5.43 -5.36
CA ALA A 43 3.79 4.40 -6.24
C ALA A 43 2.68 3.64 -6.97
N ILE A 44 1.64 3.27 -6.24
CA ILE A 44 0.53 2.52 -6.81
C ILE A 44 -0.32 3.40 -7.71
N GLU A 45 -0.73 4.55 -7.19
CA GLU A 45 -1.66 5.42 -7.91
C GLU A 45 -1.00 5.98 -9.17
N LYS A 46 0.31 6.15 -9.12
CA LYS A 46 1.06 6.62 -10.29
C LYS A 46 0.94 5.64 -11.45
N THR A 47 0.96 4.35 -11.14
CA THR A 47 0.93 3.32 -12.17
C THR A 47 -0.48 2.80 -12.39
N VAL A 48 -1.35 3.03 -11.42
CA VAL A 48 -2.74 2.61 -11.52
C VAL A 48 -3.69 3.79 -11.32
N PRO A 49 -4.08 4.44 -12.43
CA PRO A 49 -4.92 5.64 -12.40
C PRO A 49 -6.35 5.33 -12.00
N GLY A 50 -6.98 6.25 -11.28
CA GLY A 50 -8.37 6.08 -10.89
C GLY A 50 -8.51 5.39 -9.55
N ALA A 51 -7.99 4.17 -9.45
CA ALA A 51 -8.01 3.43 -8.19
C ALA A 51 -7.38 4.25 -7.07
N ALA A 52 -8.10 4.37 -5.96
CA ALA A 52 -7.67 5.23 -4.85
C ALA A 52 -6.97 4.41 -3.77
N VAL A 53 -5.77 4.84 -3.40
CA VAL A 53 -5.00 4.14 -2.38
C VAL A 53 -5.00 4.92 -1.06
N HIS A 54 -5.41 4.24 0.00
CA HIS A 54 -5.44 4.86 1.33
C HIS A 54 -4.60 4.06 2.31
N ALA A 55 -3.42 4.58 2.64
CA ALA A 55 -2.54 3.93 3.61
C ALA A 55 -2.67 4.57 4.99
N ASP A 56 -2.95 3.75 5.99
CA ASP A 56 -3.01 4.23 7.37
C ASP A 56 -1.98 3.52 8.24
N PRO A 57 -0.83 4.17 8.45
CA PRO A 57 0.27 3.62 9.26
C PRO A 57 -0.08 3.59 10.75
N ALA A 58 -1.02 4.43 11.14
CA ALA A 58 -1.53 4.41 12.51
C ALA A 58 -2.19 3.07 12.83
N SER A 59 -2.86 2.49 11.85
CA SER A 59 -3.44 1.16 12.00
C SER A 59 -2.52 0.11 11.38
N ARG A 60 -1.48 0.56 10.70
CA ARG A 60 -0.54 -0.35 10.05
C ARG A 60 -1.21 -1.14 8.93
N THR A 61 -2.16 -0.50 8.25
CA THR A 61 -2.94 -1.17 7.22
C THR A 61 -3.07 -0.30 5.97
N VAL A 62 -2.86 -0.92 4.81
CA VAL A 62 -3.00 -0.21 3.55
C VAL A 62 -4.16 -0.78 2.72
N VAL A 63 -5.09 0.10 2.36
CA VAL A 63 -6.25 -0.31 1.58
C VAL A 63 -6.24 0.31 0.19
N VAL A 64 -6.46 -0.51 -0.83
CA VAL A 64 -6.57 -0.03 -2.20
C VAL A 64 -7.97 -0.27 -2.76
N GLY A 65 -8.70 0.81 -3.01
CA GLY A 65 -10.09 0.70 -3.40
C GLY A 65 -10.26 0.42 -4.88
N GLY A 66 -11.43 -0.07 -5.27
CA GLY A 66 -11.69 -0.35 -6.67
C GLY A 66 -11.13 -1.67 -7.12
N VAL A 67 -10.17 -1.63 -8.04
CA VAL A 67 -9.51 -2.83 -8.53
C VAL A 67 -8.06 -2.56 -8.89
N SER A 68 -7.18 -3.49 -8.54
CA SER A 68 -5.75 -3.35 -8.85
C SER A 68 -5.06 -4.71 -8.83
N ASP A 69 -4.11 -4.89 -9.75
CA ASP A 69 -3.24 -6.06 -9.72
C ASP A 69 -2.46 -6.14 -8.41
N ALA A 70 -2.83 -7.10 -7.57
CA ALA A 70 -2.24 -7.21 -6.23
C ALA A 70 -0.75 -7.54 -6.31
N ALA A 71 -0.36 -8.25 -7.37
CA ALA A 71 1.04 -8.61 -7.57
C ALA A 71 1.91 -7.38 -7.71
N HIS A 72 1.40 -6.38 -8.44
CA HIS A 72 2.13 -5.12 -8.64
C HIS A 72 2.22 -4.34 -7.33
N ILE A 73 1.12 -4.33 -6.58
CA ILE A 73 1.09 -3.68 -5.28
C ILE A 73 2.07 -4.35 -4.31
N ALA A 74 2.10 -5.68 -4.34
CA ALA A 74 2.96 -6.44 -3.43
C ALA A 74 4.44 -6.14 -3.68
N GLU A 75 4.80 -6.01 -4.95
CA GLU A 75 6.16 -5.62 -5.32
C GLU A 75 6.47 -4.22 -4.79
N ILE A 76 5.48 -3.34 -4.84
CA ILE A 76 5.66 -1.96 -4.41
C ILE A 76 5.90 -1.88 -2.90
N ILE A 77 5.07 -2.59 -2.14
CA ILE A 77 5.17 -2.56 -0.69
C ILE A 77 6.48 -3.18 -0.22
N THR A 78 6.85 -4.30 -0.83
CA THR A 78 8.14 -4.93 -0.57
C THR A 78 9.30 -4.02 -0.96
N ALA A 79 9.14 -3.34 -2.10
CA ALA A 79 10.15 -2.40 -2.58
C ALA A 79 10.35 -1.25 -1.61
N ALA A 80 9.27 -0.84 -0.96
CA ALA A 80 9.35 0.18 0.09
C ALA A 80 9.95 -0.39 1.37
N GLY A 81 10.06 -1.71 1.42
CA GLY A 81 10.81 -2.34 2.50
C GLY A 81 9.96 -2.60 3.72
N TYR A 82 8.64 -2.58 3.54
CA TYR A 82 7.71 -2.81 4.64
C TYR A 82 6.87 -4.05 4.40
N THR A 83 7.46 -5.22 4.69
CA THR A 83 6.70 -6.47 4.71
C THR A 83 6.49 -6.96 6.14
N PRO A 84 5.39 -7.69 6.35
CA PRO A 84 4.98 -8.14 7.69
C PRO A 84 5.80 -9.33 8.17
N GLU A 85 5.73 -9.61 9.47
CA GLU A 85 6.46 -10.72 10.07
C GLU A 85 6.05 -12.04 9.43
N ALA A 22 -14.79 -1.39 -1.32
CA ALA A 22 -14.64 -2.82 -1.53
C ALA A 22 -13.51 -3.12 -2.51
N GLY A 23 -12.27 -2.97 -2.05
CA GLY A 23 -11.13 -3.23 -2.89
C GLY A 23 -10.16 -4.24 -2.27
N LEU A 24 -8.88 -3.93 -2.34
CA LEU A 24 -7.86 -4.80 -1.74
C LEU A 24 -7.33 -4.19 -0.44
N SER A 25 -7.02 -5.05 0.53
CA SER A 25 -6.47 -4.60 1.80
C SER A 25 -5.19 -5.35 2.12
N PHE A 26 -4.14 -4.61 2.48
CA PHE A 26 -2.85 -5.19 2.81
C PHE A 26 -2.37 -4.71 4.17
N HIS A 27 -1.85 -5.64 4.97
CA HIS A 27 -1.48 -5.34 6.35
C HIS A 27 0.00 -5.60 6.58
N VAL A 28 0.71 -4.58 7.06
CA VAL A 28 2.15 -4.69 7.30
C VAL A 28 2.47 -4.54 8.79
N GLU A 29 3.10 -5.56 9.35
CA GLU A 29 3.38 -5.60 10.78
C GLU A 29 4.50 -4.62 11.14
N ASP A 30 5.49 -4.53 10.26
CA ASP A 30 6.68 -3.73 10.54
C ASP A 30 6.63 -2.40 9.80
N MET A 31 5.42 -1.88 9.62
CA MET A 31 5.23 -0.64 8.87
C MET A 31 5.68 0.57 9.69
N THR A 32 6.80 1.15 9.30
CA THR A 32 7.24 2.43 9.87
C THR A 32 6.33 3.57 9.43
N CYS A 33 5.91 4.38 10.39
CA CYS A 33 4.84 5.36 10.16
C CYS A 33 5.41 6.67 9.62
N GLY A 34 4.83 7.15 8.53
CA GLY A 34 5.29 8.39 7.92
C GLY A 34 6.40 8.17 6.93
N HIS A 35 6.83 6.92 6.78
CA HIS A 35 7.95 6.59 5.92
C HIS A 35 7.62 5.42 5.00
N CYS A 36 6.33 5.08 4.93
CA CYS A 36 5.89 3.92 4.17
C CYS A 36 4.52 4.17 3.56
N ALA A 37 3.64 4.82 4.33
CA ALA A 37 2.29 5.11 3.87
C ALA A 37 2.30 5.97 2.61
N GLY A 38 3.13 7.02 2.62
CA GLY A 38 3.27 7.87 1.46
C GLY A 38 3.87 7.14 0.27
N VAL A 39 4.85 6.29 0.54
CA VAL A 39 5.56 5.57 -0.51
C VAL A 39 4.63 4.59 -1.23
N ILE A 40 3.94 3.77 -0.45
CA ILE A 40 3.06 2.76 -1.01
C ILE A 40 1.86 3.39 -1.72
N LYS A 41 1.26 4.38 -1.07
CA LYS A 41 0.09 5.05 -1.62
C LYS A 41 0.40 5.70 -2.96
N GLY A 42 1.46 6.50 -3.00
CA GLY A 42 1.85 7.16 -4.23
C GLY A 42 2.26 6.19 -5.32
N ALA A 43 3.01 5.17 -4.93
CA ALA A 43 3.52 4.20 -5.88
C ALA A 43 2.38 3.44 -6.56
N ILE A 44 1.37 3.07 -5.79
CA ILE A 44 0.19 2.40 -6.33
C ILE A 44 -0.65 3.36 -7.16
N GLU A 45 -0.82 4.59 -6.65
CA GLU A 45 -1.63 5.58 -7.33
C GLU A 45 -1.13 5.81 -8.76
N LYS A 46 0.18 5.82 -8.92
CA LYS A 46 0.79 6.04 -10.23
C LYS A 46 0.45 4.91 -11.19
N THR A 47 0.31 3.70 -10.65
CA THR A 47 0.03 2.53 -11.47
C THR A 47 -1.47 2.26 -11.55
N VAL A 48 -2.22 2.85 -10.61
CA VAL A 48 -3.66 2.66 -10.57
C VAL A 48 -4.38 4.00 -10.60
N PRO A 49 -4.62 4.52 -11.81
CA PRO A 49 -5.30 5.81 -12.00
C PRO A 49 -6.79 5.73 -11.68
N GLY A 50 -7.33 6.82 -11.11
CA GLY A 50 -8.74 6.88 -10.83
C GLY A 50 -9.09 6.24 -9.50
N ALA A 51 -8.89 4.93 -9.40
CA ALA A 51 -9.11 4.21 -8.15
C ALA A 51 -8.35 4.86 -7.00
N ALA A 52 -9.00 4.94 -5.84
CA ALA A 52 -8.44 5.67 -4.71
C ALA A 52 -7.63 4.76 -3.80
N VAL A 53 -6.41 5.16 -3.49
CA VAL A 53 -5.55 4.41 -2.59
C VAL A 53 -5.34 5.16 -1.28
N HIS A 54 -5.65 4.49 -0.18
CA HIS A 54 -5.54 5.10 1.14
C HIS A 54 -4.66 4.25 2.06
N ALA A 55 -3.52 4.79 2.46
CA ALA A 55 -2.64 4.11 3.40
C ALA A 55 -2.66 4.80 4.77
N ASP A 56 -2.84 4.01 5.82
CA ASP A 56 -2.83 4.52 7.18
C ASP A 56 -1.77 3.83 8.02
N PRO A 57 -0.73 4.58 8.40
CA PRO A 57 0.36 4.06 9.21
C PRO A 57 -0.03 3.87 10.67
N ALA A 58 -1.11 4.53 11.08
CA ALA A 58 -1.68 4.32 12.41
C ALA A 58 -2.26 2.92 12.54
N SER A 59 -2.87 2.43 11.46
CA SER A 59 -3.38 1.07 11.42
C SER A 59 -2.40 0.14 10.73
N ARG A 60 -1.31 0.72 10.21
CA ARG A 60 -0.31 -0.06 9.48
C ARG A 60 -0.94 -0.83 8.33
N THR A 61 -1.93 -0.22 7.69
CA THR A 61 -2.72 -0.91 6.68
C THR A 61 -2.96 -0.02 5.46
N VAL A 62 -2.84 -0.60 4.27
CA VAL A 62 -3.13 0.12 3.04
C VAL A 62 -4.28 -0.52 2.28
N VAL A 63 -5.24 0.31 1.87
CA VAL A 63 -6.40 -0.17 1.12
C VAL A 63 -6.47 0.46 -0.26
N VAL A 64 -6.68 -0.38 -1.28
CA VAL A 64 -6.79 0.09 -2.65
C VAL A 64 -8.20 -0.15 -3.18
N GLY A 65 -8.90 0.94 -3.51
CA GLY A 65 -10.28 0.84 -3.95
C GLY A 65 -10.39 0.34 -5.38
N GLY A 66 -11.50 -0.32 -5.70
CA GLY A 66 -11.73 -0.77 -7.05
C GLY A 66 -11.04 -2.09 -7.36
N VAL A 67 -10.00 -2.03 -8.16
CA VAL A 67 -9.23 -3.23 -8.51
C VAL A 67 -7.77 -2.88 -8.82
N SER A 68 -6.87 -3.76 -8.40
CA SER A 68 -5.45 -3.55 -8.64
C SER A 68 -4.70 -4.88 -8.64
N ASP A 69 -3.68 -4.99 -9.49
CA ASP A 69 -2.80 -6.16 -9.49
C ASP A 69 -2.02 -6.25 -8.18
N ALA A 70 -2.36 -7.24 -7.36
CA ALA A 70 -1.74 -7.40 -6.05
C ALA A 70 -0.25 -7.69 -6.17
N ALA A 71 0.13 -8.29 -7.30
CA ALA A 71 1.53 -8.65 -7.53
C ALA A 71 2.42 -7.41 -7.54
N HIS A 72 1.94 -6.36 -8.19
CA HIS A 72 2.70 -5.10 -8.25
C HIS A 72 2.69 -4.39 -6.91
N ILE A 73 1.56 -4.48 -6.21
CA ILE A 73 1.46 -3.91 -4.87
C ILE A 73 2.42 -4.58 -3.90
N ALA A 74 2.56 -5.89 -4.02
CA ALA A 74 3.48 -6.64 -3.18
C ALA A 74 4.93 -6.25 -3.47
N GLU A 75 5.22 -6.00 -4.75
CA GLU A 75 6.54 -5.51 -5.14
C GLU A 75 6.80 -4.11 -4.58
N ILE A 76 5.75 -3.30 -4.55
CA ILE A 76 5.86 -1.95 -3.99
C ILE A 76 6.15 -2.00 -2.49
N ILE A 77 5.41 -2.85 -1.78
CA ILE A 77 5.60 -3.00 -0.35
C ILE A 77 7.00 -3.51 -0.01
N THR A 78 7.46 -4.50 -0.77
CA THR A 78 8.80 -5.03 -0.61
C THR A 78 9.85 -3.98 -0.96
N ALA A 79 9.58 -3.22 -2.03
CA ALA A 79 10.52 -2.21 -2.50
C ALA A 79 10.73 -1.12 -1.45
N ALA A 80 9.68 -0.83 -0.69
CA ALA A 80 9.78 0.14 0.41
C ALA A 80 10.49 -0.47 1.62
N GLY A 81 10.61 -1.79 1.61
CA GLY A 81 11.39 -2.46 2.64
C GLY A 81 10.58 -2.73 3.90
N TYR A 82 9.27 -2.61 3.78
CA TYR A 82 8.38 -2.81 4.93
C TYR A 82 7.39 -3.94 4.66
N THR A 83 7.85 -5.18 4.82
CA THR A 83 6.98 -6.33 4.71
C THR A 83 6.57 -6.86 6.08
N PRO A 84 5.37 -7.46 6.15
CA PRO A 84 4.84 -8.00 7.40
C PRO A 84 5.52 -9.30 7.81
N GLU A 85 5.38 -9.66 9.09
CA GLU A 85 6.00 -10.89 9.60
C GLU A 85 5.49 -12.11 8.84
N ALA A 22 -14.37 -1.56 -1.19
CA ALA A 22 -14.26 -2.99 -1.46
C ALA A 22 -13.14 -3.29 -2.44
N GLY A 23 -11.90 -3.11 -2.00
CA GLY A 23 -10.75 -3.37 -2.85
C GLY A 23 -9.78 -4.35 -2.23
N LEU A 24 -8.49 -4.03 -2.30
CA LEU A 24 -7.46 -4.89 -1.72
C LEU A 24 -6.96 -4.30 -0.39
N SER A 25 -6.67 -5.19 0.55
CA SER A 25 -6.19 -4.77 1.86
C SER A 25 -4.88 -5.48 2.21
N PHE A 26 -3.88 -4.71 2.63
CA PHE A 26 -2.62 -5.28 3.08
C PHE A 26 -2.26 -4.76 4.47
N HIS A 27 -1.77 -5.66 5.32
CA HIS A 27 -1.48 -5.30 6.71
C HIS A 27 -0.05 -5.69 7.08
N VAL A 28 0.72 -4.71 7.54
CA VAL A 28 2.13 -4.92 7.84
C VAL A 28 2.47 -4.47 9.26
N GLU A 29 2.86 -5.42 10.09
CA GLU A 29 3.13 -5.13 11.50
C GLU A 29 4.46 -4.40 11.67
N ASP A 30 5.42 -4.75 10.82
CA ASP A 30 6.79 -4.26 10.98
C ASP A 30 6.97 -2.92 10.24
N MET A 31 5.88 -2.40 9.70
CA MET A 31 5.92 -1.16 8.94
C MET A 31 6.18 0.04 9.87
N THR A 32 7.26 0.75 9.62
CA THR A 32 7.47 2.06 10.22
C THR A 32 6.40 3.05 9.76
N CYS A 33 5.88 3.81 10.71
CA CYS A 33 4.66 4.60 10.48
C CYS A 33 5.02 6.07 10.25
N GLY A 34 4.41 6.65 9.21
CA GLY A 34 4.69 8.04 8.87
C GLY A 34 5.82 8.17 7.86
N HIS A 35 6.39 7.04 7.46
CA HIS A 35 7.52 7.04 6.54
C HIS A 35 7.32 6.01 5.44
N CYS A 36 6.07 5.69 5.14
CA CYS A 36 5.74 4.64 4.19
C CYS A 36 4.44 4.93 3.46
N ALA A 37 3.52 5.58 4.15
CA ALA A 37 2.20 5.86 3.60
C ALA A 37 2.31 6.72 2.34
N GLY A 38 3.15 7.75 2.41
CA GLY A 38 3.35 8.62 1.27
C GLY A 38 3.97 7.90 0.08
N VAL A 39 4.95 7.05 0.37
CA VAL A 39 5.66 6.32 -0.68
C VAL A 39 4.75 5.30 -1.36
N ILE A 40 4.09 4.49 -0.55
CA ILE A 40 3.27 3.40 -1.06
C ILE A 40 2.03 3.93 -1.79
N LYS A 41 1.43 4.97 -1.24
CA LYS A 41 0.25 5.59 -1.84
C LYS A 41 0.57 6.14 -3.23
N GLY A 42 1.63 6.93 -3.31
CA GLY A 42 2.03 7.49 -4.58
C GLY A 42 2.48 6.44 -5.57
N ALA A 43 3.19 5.43 -5.08
CA ALA A 43 3.75 4.40 -5.93
C ALA A 43 2.64 3.59 -6.62
N ILE A 44 1.62 3.22 -5.85
CA ILE A 44 0.51 2.46 -6.38
C ILE A 44 -0.38 3.32 -7.25
N GLU A 45 -0.72 4.51 -6.75
CA GLU A 45 -1.58 5.43 -7.49
C GLU A 45 -0.99 5.77 -8.85
N LYS A 46 0.34 5.89 -8.91
CA LYS A 46 1.02 6.21 -10.14
C LYS A 46 0.80 5.13 -11.20
N THR A 47 0.77 3.88 -10.75
CA THR A 47 0.63 2.75 -11.66
C THR A 47 -0.83 2.32 -11.79
N VAL A 48 -1.65 2.77 -10.84
CA VAL A 48 -3.07 2.43 -10.86
C VAL A 48 -3.94 3.68 -10.87
N PRO A 49 -4.26 4.16 -12.09
CA PRO A 49 -5.07 5.38 -12.27
C PRO A 49 -6.52 5.17 -11.89
N GLY A 50 -7.14 6.22 -11.34
CA GLY A 50 -8.55 6.16 -11.01
C GLY A 50 -8.81 5.54 -9.65
N ALA A 51 -8.48 4.26 -9.52
CA ALA A 51 -8.60 3.58 -8.23
C ALA A 51 -7.88 4.36 -7.13
N ALA A 52 -8.56 4.51 -5.99
CA ALA A 52 -8.05 5.36 -4.92
C ALA A 52 -7.25 4.56 -3.91
N VAL A 53 -6.03 5.02 -3.62
CA VAL A 53 -5.16 4.33 -2.67
C VAL A 53 -5.12 5.06 -1.34
N HIS A 54 -5.48 4.36 -0.28
CA HIS A 54 -5.48 4.93 1.06
C HIS A 54 -4.58 4.11 2.00
N ALA A 55 -3.42 4.65 2.33
CA ALA A 55 -2.52 4.01 3.27
C ALA A 55 -2.60 4.69 4.64
N ASP A 56 -2.83 3.90 5.67
CA ASP A 56 -2.88 4.40 7.04
C ASP A 56 -1.83 3.71 7.90
N PRO A 57 -0.74 4.43 8.20
CA PRO A 57 0.35 3.90 9.03
C PRO A 57 -0.02 3.83 10.51
N ALA A 58 -1.05 4.60 10.88
CA ALA A 58 -1.58 4.53 12.24
C ALA A 58 -2.20 3.17 12.53
N SER A 59 -2.84 2.59 11.53
CA SER A 59 -3.41 1.24 11.66
C SER A 59 -2.45 0.21 11.06
N ARG A 60 -1.41 0.69 10.39
CA ARG A 60 -0.44 -0.21 9.76
C ARG A 60 -1.09 -0.99 8.62
N THR A 61 -2.01 -0.35 7.91
CA THR A 61 -2.79 -1.03 6.88
C THR A 61 -2.88 -0.19 5.61
N VAL A 62 -2.69 -0.83 4.47
CA VAL A 62 -2.82 -0.16 3.19
C VAL A 62 -4.00 -0.71 2.39
N VAL A 63 -4.92 0.18 2.01
CA VAL A 63 -6.10 -0.21 1.27
C VAL A 63 -6.12 0.41 -0.12
N VAL A 64 -6.38 -0.42 -1.13
CA VAL A 64 -6.56 0.07 -2.49
C VAL A 64 -7.97 -0.22 -3.00
N GLY A 65 -8.73 0.84 -3.25
CA GLY A 65 -10.12 0.69 -3.61
C GLY A 65 -10.32 0.37 -5.08
N GLY A 66 -11.50 -0.14 -5.43
CA GLY A 66 -11.79 -0.45 -6.81
C GLY A 66 -11.20 -1.77 -7.24
N VAL A 67 -10.25 -1.72 -8.16
CA VAL A 67 -9.57 -2.92 -8.62
C VAL A 67 -8.11 -2.63 -8.97
N SER A 68 -7.23 -3.57 -8.63
CA SER A 68 -5.81 -3.43 -8.92
C SER A 68 -5.11 -4.79 -8.93
N ASP A 69 -4.09 -4.92 -9.77
CA ASP A 69 -3.24 -6.10 -9.75
C ASP A 69 -2.48 -6.20 -8.42
N ALA A 70 -2.89 -7.16 -7.59
CA ALA A 70 -2.32 -7.30 -6.25
C ALA A 70 -0.83 -7.62 -6.32
N ALA A 71 -0.43 -8.32 -7.38
CA ALA A 71 0.96 -8.71 -7.56
C ALA A 71 1.87 -7.48 -7.63
N HIS A 72 1.42 -6.46 -8.34
CA HIS A 72 2.19 -5.23 -8.50
C HIS A 72 2.25 -4.46 -7.19
N ILE A 73 1.13 -4.44 -6.46
CA ILE A 73 1.08 -3.77 -5.17
C ILE A 73 2.01 -4.44 -4.16
N ALA A 74 2.06 -5.76 -4.20
CA ALA A 74 2.93 -6.52 -3.31
C ALA A 74 4.39 -6.22 -3.57
N GLU A 75 4.74 -6.08 -4.85
CA GLU A 75 6.10 -5.71 -5.24
C GLU A 75 6.42 -4.29 -4.78
N ILE A 76 5.43 -3.41 -4.85
CA ILE A 76 5.60 -2.02 -4.45
C ILE A 76 5.85 -1.92 -2.95
N ILE A 77 5.03 -2.62 -2.17
CA ILE A 77 5.16 -2.61 -0.71
C ILE A 77 6.50 -3.21 -0.27
N THR A 78 6.87 -4.31 -0.91
CA THR A 78 8.17 -4.94 -0.64
C THR A 78 9.31 -4.01 -1.06
N ALA A 79 9.13 -3.33 -2.19
CA ALA A 79 10.15 -2.41 -2.69
C ALA A 79 10.36 -1.25 -1.72
N ALA A 80 9.29 -0.85 -1.04
CA ALA A 80 9.37 0.17 0.00
C ALA A 80 10.01 -0.39 1.26
N GLY A 81 10.12 -1.72 1.32
CA GLY A 81 10.89 -2.35 2.38
C GLY A 81 10.06 -2.60 3.63
N TYR A 82 8.75 -2.57 3.48
CA TYR A 82 7.85 -2.78 4.61
C TYR A 82 6.99 -4.03 4.39
N THR A 83 7.57 -5.18 4.71
CA THR A 83 6.81 -6.44 4.69
C THR A 83 6.64 -6.99 6.11
N PRO A 84 5.54 -7.74 6.32
CA PRO A 84 5.17 -8.23 7.64
C PRO A 84 6.00 -9.44 8.06
N GLU A 85 5.96 -9.77 9.36
CA GLU A 85 6.71 -10.90 9.87
C GLU A 85 6.29 -12.20 9.18
N ALA A 22 -14.35 -1.60 -1.06
CA ALA A 22 -14.27 -3.02 -1.33
C ALA A 22 -13.15 -3.32 -2.33
N GLY A 23 -11.91 -3.16 -1.88
CA GLY A 23 -10.77 -3.42 -2.73
C GLY A 23 -9.80 -4.41 -2.12
N LEU A 24 -8.51 -4.10 -2.19
CA LEU A 24 -7.48 -4.94 -1.60
C LEU A 24 -7.04 -4.40 -0.26
N SER A 25 -6.76 -5.30 0.68
CA SER A 25 -6.29 -4.92 2.00
C SER A 25 -4.95 -5.58 2.32
N PHE A 26 -3.98 -4.79 2.75
CA PHE A 26 -2.69 -5.32 3.19
C PHE A 26 -2.36 -4.83 4.59
N HIS A 27 -1.79 -5.71 5.41
CA HIS A 27 -1.49 -5.39 6.80
C HIS A 27 -0.05 -5.74 7.14
N VAL A 28 0.69 -4.75 7.63
CA VAL A 28 2.12 -4.91 7.89
C VAL A 28 2.47 -4.47 9.31
N GLU A 29 2.93 -5.42 10.12
CA GLU A 29 3.22 -5.15 11.52
C GLU A 29 4.53 -4.40 11.67
N ASP A 30 5.49 -4.71 10.81
CA ASP A 30 6.84 -4.18 10.95
C ASP A 30 7.00 -2.86 10.21
N MET A 31 5.89 -2.35 9.68
CA MET A 31 5.91 -1.11 8.92
C MET A 31 6.17 0.08 9.83
N THR A 32 7.26 0.80 9.56
CA THR A 32 7.47 2.13 10.14
C THR A 32 6.43 3.12 9.64
N CYS A 33 5.90 3.91 10.56
CA CYS A 33 4.70 4.70 10.29
C CYS A 33 5.05 6.16 10.01
N GLY A 34 4.46 6.71 8.96
CA GLY A 34 4.76 8.08 8.58
C GLY A 34 5.85 8.16 7.53
N HIS A 35 6.37 7.01 7.14
CA HIS A 35 7.46 6.96 6.18
C HIS A 35 7.20 5.90 5.10
N CYS A 36 5.91 5.64 4.85
CA CYS A 36 5.53 4.54 3.97
C CYS A 36 4.22 4.86 3.24
N ALA A 37 3.34 5.58 3.92
CA ALA A 37 2.05 5.93 3.34
C ALA A 37 2.21 6.76 2.07
N GLY A 38 3.10 7.75 2.12
CA GLY A 38 3.36 8.57 0.96
C GLY A 38 3.97 7.78 -0.18
N VAL A 39 4.88 6.88 0.14
CA VAL A 39 5.58 6.09 -0.86
C VAL A 39 4.64 5.11 -1.55
N ILE A 40 3.91 4.35 -0.73
CA ILE A 40 3.02 3.30 -1.26
C ILE A 40 1.87 3.91 -2.06
N LYS A 41 1.27 4.96 -1.50
CA LYS A 41 0.13 5.61 -2.14
C LYS A 41 0.52 6.16 -3.52
N GLY A 42 1.59 6.94 -3.55
CA GLY A 42 2.06 7.51 -4.80
C GLY A 42 2.49 6.47 -5.80
N ALA A 43 3.19 5.45 -5.32
CA ALA A 43 3.75 4.43 -6.20
C ALA A 43 2.66 3.65 -6.93
N ILE A 44 1.61 3.28 -6.19
CA ILE A 44 0.51 2.51 -6.76
C ILE A 44 -0.34 3.38 -7.68
N GLU A 45 -0.75 4.54 -7.17
CA GLU A 45 -1.67 5.41 -7.90
C GLU A 45 -1.01 5.95 -9.17
N LYS A 46 0.31 6.11 -9.12
CA LYS A 46 1.07 6.59 -10.27
C LYS A 46 0.96 5.61 -11.43
N THR A 47 0.97 4.31 -11.11
CA THR A 47 0.94 3.27 -12.14
C THR A 47 -0.47 2.75 -12.35
N VAL A 48 -1.35 3.01 -11.38
CA VAL A 48 -2.74 2.58 -11.48
C VAL A 48 -3.68 3.77 -11.29
N PRO A 49 -4.06 4.40 -12.41
CA PRO A 49 -4.89 5.60 -12.39
C PRO A 49 -6.34 5.30 -12.00
N GLY A 50 -6.96 6.24 -11.29
CA GLY A 50 -8.35 6.07 -10.91
C GLY A 50 -8.51 5.39 -9.56
N ALA A 51 -7.99 4.17 -9.45
CA ALA A 51 -8.02 3.44 -8.19
C ALA A 51 -7.39 4.27 -7.07
N ALA A 52 -8.11 4.39 -5.96
CA ALA A 52 -7.68 5.24 -4.86
C ALA A 52 -7.00 4.43 -3.77
N VAL A 53 -5.79 4.85 -3.40
CA VAL A 53 -5.01 4.15 -2.38
C VAL A 53 -5.02 4.92 -1.06
N HIS A 54 -5.44 4.24 0.01
CA HIS A 54 -5.46 4.85 1.33
C HIS A 54 -4.62 4.05 2.31
N ALA A 55 -3.44 4.58 2.63
CA ALA A 55 -2.55 3.93 3.59
C ALA A 55 -2.67 4.57 4.97
N ASP A 56 -2.94 3.75 5.98
CA ASP A 56 -3.00 4.22 7.36
C ASP A 56 -1.97 3.51 8.22
N PRO A 57 -0.81 4.16 8.42
CA PRO A 57 0.28 3.61 9.24
C PRO A 57 -0.07 3.58 10.72
N ALA A 58 -1.02 4.42 11.13
CA ALA A 58 -1.52 4.39 12.49
C ALA A 58 -2.18 3.06 12.81
N SER A 59 -2.85 2.48 11.81
CA SER A 59 -3.43 1.14 11.95
C SER A 59 -2.51 0.09 11.34
N ARG A 60 -1.47 0.55 10.65
CA ARG A 60 -0.52 -0.35 10.01
C ARG A 60 -1.19 -1.14 8.89
N THR A 61 -2.14 -0.50 8.20
CA THR A 61 -2.92 -1.17 7.18
C THR A 61 -3.05 -0.30 5.93
N VAL A 62 -2.84 -0.92 4.78
CA VAL A 62 -2.99 -0.22 3.49
C VAL A 62 -4.15 -0.78 2.69
N VAL A 63 -5.08 0.10 2.31
CA VAL A 63 -6.24 -0.30 1.55
C VAL A 63 -6.23 0.32 0.15
N VAL A 64 -6.46 -0.51 -0.87
CA VAL A 64 -6.57 -0.03 -2.24
C VAL A 64 -7.98 -0.27 -2.79
N GLY A 65 -8.70 0.81 -3.04
CA GLY A 65 -10.09 0.69 -3.44
C GLY A 65 -10.26 0.41 -4.91
N GLY A 66 -11.43 -0.09 -5.30
CA GLY A 66 -11.70 -0.37 -6.70
C GLY A 66 -11.13 -1.70 -7.14
N VAL A 67 -10.18 -1.65 -8.07
CA VAL A 67 -9.51 -2.87 -8.54
C VAL A 67 -8.06 -2.58 -8.91
N SER A 68 -7.17 -3.51 -8.56
CA SER A 68 -5.76 -3.36 -8.86
C SER A 68 -5.06 -4.72 -8.85
N ASP A 69 -4.11 -4.91 -9.76
CA ASP A 69 -3.24 -6.08 -9.74
C ASP A 69 -2.47 -6.16 -8.42
N ALA A 70 -2.84 -7.11 -7.58
CA ALA A 70 -2.26 -7.23 -6.26
C ALA A 70 -0.78 -7.56 -6.32
N ALA A 71 -0.37 -8.27 -7.37
CA ALA A 71 1.02 -8.64 -7.56
C ALA A 71 1.90 -7.39 -7.69
N HIS A 72 1.40 -6.40 -8.43
CA HIS A 72 2.13 -5.15 -8.62
C HIS A 72 2.21 -4.38 -7.30
N ILE A 73 1.10 -4.35 -6.57
CA ILE A 73 1.07 -3.70 -5.27
C ILE A 73 2.04 -4.36 -4.29
N ALA A 74 2.10 -5.68 -4.33
CA ALA A 74 2.95 -6.43 -3.41
C ALA A 74 4.42 -6.13 -3.66
N GLU A 75 4.78 -6.00 -4.93
CA GLU A 75 6.14 -5.61 -5.30
C GLU A 75 6.46 -4.20 -4.79
N ILE A 76 5.46 -3.32 -4.83
CA ILE A 76 5.64 -1.95 -4.40
C ILE A 76 5.87 -1.87 -2.89
N ILE A 77 5.05 -2.58 -2.13
CA ILE A 77 5.15 -2.57 -0.68
C ILE A 77 6.47 -3.18 -0.21
N THR A 78 6.85 -4.30 -0.83
CA THR A 78 8.14 -4.91 -0.56
C THR A 78 9.28 -3.99 -0.96
N ALA A 79 9.12 -3.31 -2.09
CA ALA A 79 10.14 -2.38 -2.58
C ALA A 79 10.33 -1.22 -1.61
N ALA A 80 9.25 -0.81 -0.94
CA ALA A 80 9.33 0.19 0.10
C ALA A 80 9.94 -0.37 1.37
N GLY A 81 10.06 -1.69 1.43
CA GLY A 81 10.81 -2.33 2.49
C GLY A 81 9.96 -2.61 3.72
N TYR A 82 8.64 -2.59 3.53
CA TYR A 82 7.72 -2.81 4.63
C TYR A 82 6.88 -4.07 4.40
N THR A 83 7.46 -5.22 4.69
CA THR A 83 6.71 -6.48 4.70
C THR A 83 6.49 -6.96 6.13
N PRO A 84 5.39 -7.69 6.34
CA PRO A 84 4.97 -8.13 7.67
C PRO A 84 5.78 -9.32 8.16
N GLU A 85 5.70 -9.59 9.46
CA GLU A 85 6.43 -10.71 10.06
C GLU A 85 6.02 -12.03 9.42
N ALA A 22 -14.35 -1.59 -1.04
CA ALA A 22 -14.28 -3.01 -1.32
C ALA A 22 -13.14 -3.31 -2.31
N GLY A 23 -11.91 -3.14 -1.86
CA GLY A 23 -10.77 -3.40 -2.72
C GLY A 23 -9.80 -4.39 -2.10
N LEU A 24 -8.51 -4.08 -2.18
CA LEU A 24 -7.48 -4.93 -1.60
C LEU A 24 -7.04 -4.40 -0.24
N SER A 25 -6.76 -5.32 0.69
CA SER A 25 -6.29 -4.94 2.01
C SER A 25 -4.96 -5.61 2.33
N PHE A 26 -3.99 -4.81 2.76
CA PHE A 26 -2.71 -5.33 3.21
C PHE A 26 -2.37 -4.84 4.61
N HIS A 27 -1.80 -5.74 5.42
CA HIS A 27 -1.50 -5.42 6.81
C HIS A 27 -0.05 -5.76 7.14
N VAL A 28 0.69 -4.76 7.63
CA VAL A 28 2.12 -4.91 7.89
C VAL A 28 2.47 -4.48 9.30
N GLU A 29 2.93 -5.43 10.11
CA GLU A 29 3.22 -5.16 11.52
C GLU A 29 4.53 -4.39 11.67
N ASP A 30 5.49 -4.68 10.80
CA ASP A 30 6.84 -4.15 10.94
C ASP A 30 6.98 -2.83 10.21
N MET A 31 5.87 -2.32 9.68
CA MET A 31 5.88 -1.09 8.92
C MET A 31 6.14 0.12 9.83
N THR A 32 7.23 0.83 9.54
CA THR A 32 7.44 2.16 10.12
C THR A 32 6.40 3.14 9.63
N CYS A 33 5.88 3.96 10.54
CA CYS A 33 4.69 4.75 10.28
C CYS A 33 5.06 6.20 9.99
N GLY A 34 4.46 6.76 8.93
CA GLY A 34 4.78 8.12 8.53
C GLY A 34 5.87 8.18 7.48
N HIS A 35 6.39 7.02 7.10
CA HIS A 35 7.48 6.95 6.14
C HIS A 35 7.21 5.89 5.08
N CYS A 36 5.93 5.62 4.84
CA CYS A 36 5.53 4.52 3.96
C CYS A 36 4.23 4.85 3.24
N ALA A 37 3.35 5.57 3.92
CA ALA A 37 2.06 5.91 3.35
C ALA A 37 2.21 6.74 2.08
N GLY A 38 3.09 7.73 2.13
CA GLY A 38 3.35 8.55 0.96
C GLY A 38 3.94 7.76 -0.19
N VAL A 39 4.86 6.85 0.13
CA VAL A 39 5.54 6.06 -0.88
C VAL A 39 4.60 5.09 -1.56
N ILE A 40 3.85 4.33 -0.75
CA ILE A 40 2.97 3.30 -1.28
C ILE A 40 1.83 3.91 -2.10
N LYS A 41 1.23 4.97 -1.57
CA LYS A 41 0.12 5.64 -2.24
C LYS A 41 0.55 6.16 -3.60
N GLY A 42 1.63 6.95 -3.62
CA GLY A 42 2.10 7.53 -4.86
C GLY A 42 2.52 6.48 -5.86
N ALA A 43 3.20 5.44 -5.39
CA ALA A 43 3.76 4.41 -6.27
C ALA A 43 2.65 3.66 -7.00
N ILE A 44 1.60 3.29 -6.27
CA ILE A 44 0.50 2.54 -6.85
C ILE A 44 -0.36 3.42 -7.76
N GLU A 45 -0.76 4.57 -7.23
CA GLU A 45 -1.68 5.45 -7.93
C GLU A 45 -1.04 6.01 -9.20
N LYS A 46 0.28 6.17 -9.16
CA LYS A 46 1.03 6.66 -10.31
C LYS A 46 0.91 5.67 -11.48
N THR A 47 0.95 4.38 -11.16
CA THR A 47 0.94 3.35 -12.19
C THR A 47 -0.46 2.81 -12.41
N VAL A 48 -1.34 3.05 -11.44
CA VAL A 48 -2.73 2.62 -11.55
C VAL A 48 -3.69 3.78 -11.36
N PRO A 49 -4.08 4.42 -12.47
CA PRO A 49 -4.94 5.61 -12.45
C PRO A 49 -6.36 5.29 -12.04
N GLY A 50 -6.99 6.21 -11.32
CA GLY A 50 -8.38 6.03 -10.92
C GLY A 50 -8.50 5.34 -9.57
N ALA A 51 -7.97 4.13 -9.47
CA ALA A 51 -7.97 3.40 -8.21
C ALA A 51 -7.31 4.21 -7.10
N ALA A 52 -8.01 4.33 -5.97
CA ALA A 52 -7.56 5.19 -4.88
C ALA A 52 -6.86 4.36 -3.80
N VAL A 53 -5.66 4.79 -3.43
CA VAL A 53 -4.90 4.08 -2.41
C VAL A 53 -4.90 4.86 -1.09
N HIS A 54 -5.32 4.19 -0.01
CA HIS A 54 -5.36 4.82 1.29
C HIS A 54 -4.53 4.02 2.30
N ALA A 55 -3.37 4.55 2.66
CA ALA A 55 -2.49 3.90 3.63
C ALA A 55 -2.65 4.54 5.01
N ASP A 56 -2.93 3.71 6.01
CA ASP A 56 -3.00 4.18 7.39
C ASP A 56 -1.98 3.46 8.26
N PRO A 57 -0.82 4.11 8.48
CA PRO A 57 0.25 3.55 9.30
C PRO A 57 -0.10 3.52 10.77
N ALA A 58 -1.05 4.36 11.17
CA ALA A 58 -1.57 4.34 12.54
C ALA A 58 -2.22 3.00 12.86
N SER A 59 -2.89 2.42 11.86
CA SER A 59 -3.46 1.08 12.00
C SER A 59 -2.53 0.04 11.39
N ARG A 60 -1.49 0.50 10.71
CA ARG A 60 -0.54 -0.40 10.06
C ARG A 60 -1.21 -1.18 8.94
N THR A 61 -2.16 -0.54 8.27
CA THR A 61 -2.95 -1.21 7.23
C THR A 61 -3.08 -0.35 5.99
N VAL A 62 -2.88 -0.94 4.83
CA VAL A 62 -3.05 -0.24 3.57
C VAL A 62 -4.21 -0.80 2.76
N VAL A 63 -5.14 0.07 2.39
CA VAL A 63 -6.32 -0.34 1.62
C VAL A 63 -6.31 0.31 0.24
N VAL A 64 -6.52 -0.50 -0.79
CA VAL A 64 -6.61 0.01 -2.16
C VAL A 64 -7.99 -0.24 -2.74
N GLY A 65 -8.73 0.83 -3.00
CA GLY A 65 -10.12 0.70 -3.40
C GLY A 65 -10.26 0.44 -4.89
N GLY A 66 -11.43 -0.06 -5.29
CA GLY A 66 -11.69 -0.32 -6.69
C GLY A 66 -11.12 -1.65 -7.15
N VAL A 67 -10.18 -1.60 -8.08
CA VAL A 67 -9.52 -2.80 -8.57
C VAL A 67 -8.06 -2.53 -8.92
N SER A 68 -7.19 -3.47 -8.58
CA SER A 68 -5.77 -3.34 -8.88
C SER A 68 -5.09 -4.71 -8.86
N ASP A 69 -4.14 -4.89 -9.78
CA ASP A 69 -3.28 -6.07 -9.76
C ASP A 69 -2.50 -6.14 -8.44
N ALA A 70 -2.86 -7.11 -7.60
CA ALA A 70 -2.27 -7.22 -6.27
C ALA A 70 -0.79 -7.54 -6.35
N ALA A 71 -0.39 -8.24 -7.42
CA ALA A 71 1.01 -8.60 -7.62
C ALA A 71 1.88 -7.34 -7.73
N HIS A 72 1.39 -6.35 -8.45
CA HIS A 72 2.11 -5.10 -8.63
C HIS A 72 2.21 -4.33 -7.32
N ILE A 73 1.11 -4.31 -6.58
CA ILE A 73 1.08 -3.66 -5.27
C ILE A 73 2.05 -4.33 -4.30
N ALA A 74 2.09 -5.66 -4.34
CA ALA A 74 2.93 -6.42 -3.43
C ALA A 74 4.41 -6.13 -3.67
N GLU A 75 4.78 -6.00 -4.94
CA GLU A 75 6.14 -5.61 -5.30
C GLU A 75 6.46 -4.22 -4.78
N ILE A 76 5.47 -3.33 -4.82
CA ILE A 76 5.66 -1.95 -4.38
C ILE A 76 5.90 -1.88 -2.88
N ILE A 77 5.07 -2.59 -2.12
CA ILE A 77 5.16 -2.58 -0.68
C ILE A 77 6.48 -3.19 -0.20
N THR A 78 6.86 -4.30 -0.81
CA THR A 78 8.14 -4.93 -0.54
C THR A 78 9.30 -4.01 -0.94
N ALA A 79 9.14 -3.33 -2.07
CA ALA A 79 10.16 -2.41 -2.55
C ALA A 79 10.37 -1.26 -1.58
N ALA A 80 9.28 -0.84 -0.93
CA ALA A 80 9.36 0.17 0.12
C ALA A 80 9.97 -0.38 1.39
N GLY A 81 10.09 -1.71 1.44
CA GLY A 81 10.84 -2.34 2.51
C GLY A 81 9.98 -2.61 3.74
N TYR A 82 8.66 -2.59 3.56
CA TYR A 82 7.73 -2.80 4.65
C TYR A 82 6.90 -4.06 4.42
N THR A 83 7.48 -5.22 4.72
CA THR A 83 6.73 -6.47 4.75
C THR A 83 6.50 -6.94 6.18
N PRO A 84 5.39 -7.67 6.40
CA PRO A 84 4.98 -8.11 7.73
C PRO A 84 5.81 -9.29 8.24
N GLU A 85 5.74 -9.54 9.54
CA GLU A 85 6.48 -10.65 10.14
C GLU A 85 6.06 -11.98 9.52
N ALA A 22 -14.38 -1.57 -1.19
CA ALA A 22 -14.29 -3.00 -1.46
C ALA A 22 -13.18 -3.31 -2.45
N GLY A 23 -11.94 -3.14 -2.02
CA GLY A 23 -10.80 -3.40 -2.88
C GLY A 23 -9.83 -4.39 -2.26
N LEU A 24 -8.54 -4.05 -2.31
CA LEU A 24 -7.51 -4.90 -1.72
C LEU A 24 -7.02 -4.31 -0.40
N SER A 25 -6.71 -5.19 0.55
CA SER A 25 -6.20 -4.76 1.85
C SER A 25 -4.90 -5.48 2.20
N PHE A 26 -3.90 -4.70 2.60
CA PHE A 26 -2.63 -5.27 3.04
C PHE A 26 -2.25 -4.75 4.43
N HIS A 27 -1.74 -5.66 5.26
CA HIS A 27 -1.45 -5.32 6.65
C HIS A 27 -0.02 -5.70 7.01
N VAL A 28 0.75 -4.71 7.48
CA VAL A 28 2.16 -4.91 7.76
C VAL A 28 2.51 -4.48 9.19
N GLU A 29 2.94 -5.43 10.00
CA GLU A 29 3.21 -5.16 11.42
C GLU A 29 4.54 -4.42 11.57
N ASP A 30 5.49 -4.75 10.72
CA ASP A 30 6.85 -4.25 10.87
C ASP A 30 7.03 -2.93 10.13
N MET A 31 5.94 -2.41 9.60
CA MET A 31 5.97 -1.16 8.85
C MET A 31 6.20 0.03 9.78
N THR A 32 7.29 0.77 9.53
CA THR A 32 7.47 2.07 10.15
C THR A 32 6.39 3.06 9.71
N CYS A 33 5.86 3.80 10.67
CA CYS A 33 4.64 4.56 10.45
C CYS A 33 4.94 6.04 10.23
N GLY A 34 4.33 6.62 9.19
CA GLY A 34 4.58 8.02 8.88
C GLY A 34 5.70 8.21 7.89
N HIS A 35 6.32 7.10 7.48
CA HIS A 35 7.47 7.15 6.57
C HIS A 35 7.32 6.12 5.45
N CYS A 36 6.07 5.78 5.14
CA CYS A 36 5.80 4.70 4.19
C CYS A 36 4.50 4.97 3.44
N ALA A 37 3.53 5.56 4.12
CA ALA A 37 2.22 5.81 3.54
C ALA A 37 2.33 6.69 2.30
N GLY A 38 3.15 7.73 2.38
CA GLY A 38 3.35 8.62 1.26
C GLY A 38 3.98 7.92 0.06
N VAL A 39 4.94 7.06 0.34
CA VAL A 39 5.65 6.34 -0.71
C VAL A 39 4.75 5.32 -1.40
N ILE A 40 4.06 4.52 -0.59
CA ILE A 40 3.24 3.44 -1.12
C ILE A 40 2.03 3.99 -1.87
N LYS A 41 1.42 5.02 -1.30
CA LYS A 41 0.25 5.65 -1.91
C LYS A 41 0.58 6.20 -3.29
N GLY A 42 1.66 6.98 -3.37
CA GLY A 42 2.08 7.55 -4.64
C GLY A 42 2.51 6.48 -5.63
N ALA A 43 3.20 5.45 -5.13
CA ALA A 43 3.74 4.41 -5.98
C ALA A 43 2.62 3.64 -6.68
N ILE A 44 1.58 3.29 -5.93
CA ILE A 44 0.45 2.54 -6.47
C ILE A 44 -0.41 3.43 -7.37
N GLU A 45 -0.73 4.62 -6.87
CA GLU A 45 -1.58 5.54 -7.62
C GLU A 45 -0.95 5.90 -8.97
N LYS A 46 0.37 6.05 -8.98
CA LYS A 46 1.08 6.44 -10.18
C LYS A 46 0.88 5.41 -11.29
N THR A 47 0.89 4.14 -10.92
CA THR A 47 0.79 3.05 -11.90
C THR A 47 -0.65 2.56 -12.03
N VAL A 48 -1.48 2.90 -11.06
CA VAL A 48 -2.88 2.51 -11.08
C VAL A 48 -3.80 3.72 -10.99
N PRO A 49 -4.17 4.27 -12.16
CA PRO A 49 -5.00 5.48 -12.25
C PRO A 49 -6.45 5.20 -11.89
N GLY A 50 -7.10 6.19 -11.29
CA GLY A 50 -8.51 6.08 -10.97
C GLY A 50 -8.74 5.43 -9.62
N ALA A 51 -8.34 4.16 -9.49
CA ALA A 51 -8.44 3.45 -8.22
C ALA A 51 -7.79 4.26 -7.10
N ALA A 52 -8.51 4.39 -5.99
CA ALA A 52 -8.07 5.27 -4.90
C ALA A 52 -7.26 4.50 -3.87
N VAL A 53 -6.06 4.99 -3.58
CA VAL A 53 -5.17 4.33 -2.63
C VAL A 53 -5.15 5.06 -1.30
N HIS A 54 -5.51 4.35 -0.24
CA HIS A 54 -5.49 4.93 1.11
C HIS A 54 -4.60 4.12 2.05
N ALA A 55 -3.43 4.66 2.35
CA ALA A 55 -2.52 4.02 3.28
C ALA A 55 -2.59 4.67 4.66
N ASP A 56 -2.84 3.86 5.68
CA ASP A 56 -2.89 4.35 7.05
C ASP A 56 -1.84 3.65 7.92
N PRO A 57 -0.74 4.37 8.21
CA PRO A 57 0.35 3.84 9.04
C PRO A 57 -0.03 3.77 10.51
N ALA A 58 -1.05 4.53 10.90
CA ALA A 58 -1.57 4.46 12.26
C ALA A 58 -2.18 3.09 12.54
N SER A 59 -2.85 2.53 11.54
CA SER A 59 -3.40 1.18 11.65
C SER A 59 -2.46 0.15 11.03
N ARG A 60 -1.42 0.63 10.37
CA ARG A 60 -0.44 -0.24 9.73
C ARG A 60 -1.09 -1.03 8.59
N THR A 61 -2.01 -0.39 7.89
CA THR A 61 -2.79 -1.06 6.85
C THR A 61 -2.89 -0.21 5.59
N VAL A 62 -2.69 -0.84 4.44
CA VAL A 62 -2.84 -0.15 3.17
C VAL A 62 -4.02 -0.71 2.38
N VAL A 63 -4.96 0.17 2.02
CA VAL A 63 -6.15 -0.24 1.30
C VAL A 63 -6.20 0.40 -0.09
N VAL A 64 -6.47 -0.42 -1.11
CA VAL A 64 -6.66 0.09 -2.46
C VAL A 64 -8.06 -0.22 -2.98
N GLY A 65 -8.84 0.82 -3.21
CA GLY A 65 -10.24 0.64 -3.57
C GLY A 65 -10.42 0.32 -5.05
N GLY A 66 -11.58 -0.20 -5.39
CA GLY A 66 -11.87 -0.52 -6.78
C GLY A 66 -11.26 -1.84 -7.21
N VAL A 67 -10.29 -1.77 -8.12
CA VAL A 67 -9.58 -2.96 -8.58
C VAL A 67 -8.13 -2.65 -8.90
N SER A 68 -7.25 -3.58 -8.54
CA SER A 68 -5.83 -3.43 -8.82
C SER A 68 -5.13 -4.78 -8.83
N ASP A 69 -4.09 -4.89 -9.65
CA ASP A 69 -3.21 -6.06 -9.62
C ASP A 69 -2.50 -6.18 -8.27
N ALA A 70 -2.91 -7.16 -7.49
CA ALA A 70 -2.39 -7.32 -6.13
C ALA A 70 -0.89 -7.64 -6.16
N ALA A 71 -0.47 -8.36 -7.19
CA ALA A 71 0.94 -8.73 -7.32
C ALA A 71 1.82 -7.49 -7.47
N HIS A 72 1.34 -6.51 -8.24
CA HIS A 72 2.07 -5.28 -8.45
C HIS A 72 2.16 -4.47 -7.16
N ILE A 73 1.06 -4.40 -6.43
CA ILE A 73 1.03 -3.71 -5.15
C ILE A 73 1.97 -4.37 -4.15
N ALA A 74 2.00 -5.70 -4.16
CA ALA A 74 2.85 -6.46 -3.25
C ALA A 74 4.33 -6.17 -3.53
N GLU A 75 4.68 -6.05 -4.81
CA GLU A 75 6.03 -5.67 -5.19
C GLU A 75 6.36 -4.26 -4.72
N ILE A 76 5.37 -3.37 -4.76
CA ILE A 76 5.56 -2.00 -4.34
C ILE A 76 5.84 -1.92 -2.83
N ILE A 77 5.04 -2.62 -2.05
CA ILE A 77 5.19 -2.62 -0.60
C ILE A 77 6.52 -3.24 -0.18
N THR A 78 6.88 -4.35 -0.83
CA THR A 78 8.16 -4.99 -0.59
C THR A 78 9.31 -4.09 -1.02
N ALA A 79 9.13 -3.40 -2.15
CA ALA A 79 10.15 -2.50 -2.67
C ALA A 79 10.40 -1.34 -1.71
N ALA A 80 9.34 -0.91 -1.02
CA ALA A 80 9.47 0.10 0.01
C ALA A 80 10.11 -0.47 1.27
N GLY A 81 10.19 -1.80 1.34
CA GLY A 81 10.95 -2.44 2.39
C GLY A 81 10.14 -2.67 3.64
N TYR A 82 8.83 -2.64 3.51
CA TYR A 82 7.93 -2.83 4.64
C TYR A 82 7.07 -4.08 4.44
N THR A 83 7.63 -5.24 4.76
CA THR A 83 6.88 -6.48 4.76
C THR A 83 6.68 -7.01 6.18
N PRO A 84 5.58 -7.74 6.39
CA PRO A 84 5.18 -8.21 7.73
C PRO A 84 5.99 -9.44 8.17
N GLU A 85 5.91 -9.76 9.45
CA GLU A 85 6.63 -10.91 10.00
C GLU A 85 6.21 -12.19 9.28
N ALA A 22 -14.37 -1.58 -1.13
CA ALA A 22 -14.31 -3.01 -1.43
C ALA A 22 -13.20 -3.31 -2.44
N GLY A 23 -11.95 -3.15 -2.00
CA GLY A 23 -10.82 -3.41 -2.86
C GLY A 23 -9.85 -4.40 -2.25
N LEU A 24 -8.56 -4.09 -2.36
CA LEU A 24 -7.52 -4.94 -1.77
C LEU A 24 -7.06 -4.40 -0.43
N SER A 25 -6.74 -5.31 0.49
CA SER A 25 -6.25 -4.92 1.82
C SER A 25 -4.92 -5.59 2.12
N PHE A 26 -3.94 -4.80 2.53
CA PHE A 26 -2.65 -5.33 2.96
C PHE A 26 -2.28 -4.81 4.35
N HIS A 27 -1.73 -5.70 5.17
CA HIS A 27 -1.41 -5.37 6.55
C HIS A 27 0.07 -5.63 6.84
N VAL A 28 0.77 -4.59 7.30
CA VAL A 28 2.20 -4.68 7.53
C VAL A 28 2.56 -4.29 8.97
N GLU A 29 3.01 -5.26 9.75
CA GLU A 29 3.28 -5.04 11.16
C GLU A 29 4.54 -4.18 11.34
N ASP A 30 5.50 -4.35 10.43
CA ASP A 30 6.77 -3.64 10.53
C ASP A 30 6.71 -2.32 9.78
N MET A 31 5.50 -1.85 9.50
CA MET A 31 5.31 -0.62 8.76
C MET A 31 5.68 0.60 9.60
N THR A 32 6.82 1.21 9.27
CA THR A 32 7.19 2.49 9.87
C THR A 32 6.24 3.60 9.45
N CYS A 33 5.77 4.37 10.42
CA CYS A 33 4.65 5.29 10.18
C CYS A 33 5.17 6.66 9.77
N GLY A 34 4.62 7.18 8.67
CA GLY A 34 5.06 8.46 8.15
C GLY A 34 6.23 8.33 7.21
N HIS A 35 6.71 7.10 7.01
CA HIS A 35 7.87 6.85 6.17
C HIS A 35 7.61 5.71 5.21
N CYS A 36 6.34 5.34 5.06
CA CYS A 36 5.96 4.21 4.22
C CYS A 36 4.62 4.46 3.54
N ALA A 37 3.69 5.01 4.29
CA ALA A 37 2.34 5.26 3.78
C ALA A 37 2.38 6.17 2.56
N GLY A 38 3.18 7.22 2.63
CA GLY A 38 3.34 8.11 1.50
C GLY A 38 3.97 7.42 0.30
N VAL A 39 4.95 6.57 0.56
CA VAL A 39 5.67 5.88 -0.51
C VAL A 39 4.76 4.90 -1.25
N ILE A 40 4.04 4.08 -0.49
CA ILE A 40 3.17 3.07 -1.07
C ILE A 40 1.99 3.70 -1.78
N LYS A 41 1.37 4.69 -1.14
CA LYS A 41 0.20 5.36 -1.70
C LYS A 41 0.53 5.97 -3.06
N GLY A 42 1.59 6.76 -3.11
CA GLY A 42 1.99 7.38 -4.36
C GLY A 42 2.41 6.37 -5.40
N ALA A 43 3.12 5.33 -4.97
CA ALA A 43 3.66 4.33 -5.89
C ALA A 43 2.54 3.58 -6.60
N ILE A 44 1.52 3.20 -5.84
CA ILE A 44 0.38 2.46 -6.40
C ILE A 44 -0.49 3.38 -7.25
N GLU A 45 -0.81 4.55 -6.73
CA GLU A 45 -1.68 5.49 -7.43
C GLU A 45 -1.05 5.92 -8.75
N LYS A 46 0.28 5.99 -8.78
CA LYS A 46 0.99 6.36 -9.99
C LYS A 46 0.76 5.34 -11.09
N THR A 47 0.73 4.06 -10.72
CA THR A 47 0.58 2.99 -11.69
C THR A 47 -0.88 2.58 -11.84
N VAL A 48 -1.70 2.98 -10.89
CA VAL A 48 -3.12 2.64 -10.91
C VAL A 48 -3.99 3.90 -10.85
N PRO A 49 -4.29 4.46 -12.03
CA PRO A 49 -5.09 5.69 -12.14
C PRO A 49 -6.55 5.46 -11.79
N GLY A 50 -7.18 6.47 -11.19
CA GLY A 50 -8.59 6.40 -10.88
C GLY A 50 -8.85 5.74 -9.55
N ALA A 51 -8.51 4.46 -9.44
CA ALA A 51 -8.63 3.74 -8.18
C ALA A 51 -7.95 4.49 -7.04
N ALA A 52 -8.64 4.59 -5.91
CA ALA A 52 -8.16 5.40 -4.79
C ALA A 52 -7.36 4.57 -3.80
N VAL A 53 -6.16 5.03 -3.48
CA VAL A 53 -5.29 4.32 -2.55
C VAL A 53 -5.23 5.03 -1.20
N HIS A 54 -5.57 4.31 -0.13
CA HIS A 54 -5.55 4.88 1.21
C HIS A 54 -4.65 4.06 2.12
N ALA A 55 -3.49 4.60 2.47
CA ALA A 55 -2.59 3.97 3.41
C ALA A 55 -2.67 4.62 4.78
N ASP A 56 -2.90 3.81 5.81
CA ASP A 56 -2.98 4.32 7.18
C ASP A 56 -1.95 3.63 8.07
N PRO A 57 -0.88 4.36 8.43
CA PRO A 57 0.20 3.83 9.26
C PRO A 57 -0.23 3.68 10.73
N ALA A 58 -1.28 4.38 11.11
CA ALA A 58 -1.83 4.25 12.45
C ALA A 58 -2.42 2.86 12.68
N SER A 59 -3.06 2.32 11.65
CA SER A 59 -3.59 0.96 11.70
C SER A 59 -2.60 -0.02 11.07
N ARG A 60 -1.56 0.51 10.44
CA ARG A 60 -0.55 -0.32 9.79
C ARG A 60 -1.16 -1.10 8.63
N THR A 61 -2.10 -0.48 7.93
CA THR A 61 -2.86 -1.15 6.88
C THR A 61 -2.96 -0.29 5.63
N VAL A 62 -2.76 -0.90 4.47
CA VAL A 62 -2.92 -0.20 3.20
C VAL A 62 -4.10 -0.77 2.41
N VAL A 63 -5.03 0.10 2.04
CA VAL A 63 -6.22 -0.31 1.29
C VAL A 63 -6.22 0.32 -0.09
N VAL A 64 -6.47 -0.51 -1.10
CA VAL A 64 -6.61 -0.02 -2.48
C VAL A 64 -8.01 -0.27 -3.02
N GLY A 65 -8.75 0.79 -3.27
CA GLY A 65 -10.14 0.66 -3.65
C GLY A 65 -10.31 0.38 -5.13
N GLY A 66 -11.48 -0.12 -5.52
CA GLY A 66 -11.76 -0.39 -6.91
C GLY A 66 -11.16 -1.69 -7.38
N VAL A 67 -10.20 -1.61 -8.30
CA VAL A 67 -9.51 -2.80 -8.80
C VAL A 67 -8.05 -2.50 -9.08
N SER A 68 -7.18 -3.45 -8.74
CA SER A 68 -5.75 -3.32 -9.00
C SER A 68 -5.06 -4.68 -9.00
N ASP A 69 -4.06 -4.83 -9.84
CA ASP A 69 -3.21 -6.02 -9.83
C ASP A 69 -2.45 -6.12 -8.51
N ALA A 70 -2.84 -7.08 -7.68
CA ALA A 70 -2.26 -7.21 -6.34
C ALA A 70 -0.78 -7.54 -6.42
N ALA A 71 -0.38 -8.21 -7.49
CA ALA A 71 1.01 -8.64 -7.65
C ALA A 71 1.95 -7.45 -7.62
N HIS A 72 1.57 -6.38 -8.32
CA HIS A 72 2.42 -5.20 -8.42
C HIS A 72 2.41 -4.41 -7.12
N ILE A 73 1.28 -4.42 -6.43
CA ILE A 73 1.16 -3.79 -5.13
C ILE A 73 2.07 -4.48 -4.11
N ALA A 74 2.13 -5.81 -4.16
CA ALA A 74 3.03 -6.57 -3.32
C ALA A 74 4.49 -6.27 -3.66
N GLU A 75 4.77 -6.09 -4.94
CA GLU A 75 6.09 -5.69 -5.39
C GLU A 75 6.44 -4.30 -4.84
N ILE A 76 5.45 -3.41 -4.82
CA ILE A 76 5.67 -2.06 -4.32
C ILE A 76 5.96 -2.05 -2.83
N ILE A 77 5.17 -2.80 -2.08
CA ILE A 77 5.32 -2.86 -0.62
C ILE A 77 6.67 -3.45 -0.24
N THR A 78 7.04 -4.54 -0.91
CA THR A 78 8.34 -5.16 -0.68
C THR A 78 9.48 -4.23 -1.11
N ALA A 79 9.28 -3.54 -2.23
CA ALA A 79 10.29 -2.63 -2.75
C ALA A 79 10.57 -1.49 -1.77
N ALA A 80 9.52 -1.08 -1.04
CA ALA A 80 9.67 -0.07 -0.01
C ALA A 80 10.33 -0.64 1.23
N GLY A 81 10.43 -1.96 1.29
CA GLY A 81 11.20 -2.60 2.33
C GLY A 81 10.40 -2.81 3.61
N TYR A 82 9.09 -2.71 3.50
CA TYR A 82 8.21 -2.86 4.65
C TYR A 82 7.28 -4.05 4.48
N THR A 83 7.75 -5.23 4.88
CA THR A 83 6.89 -6.42 4.95
C THR A 83 6.64 -6.82 6.40
N PRO A 84 5.49 -7.44 6.65
CA PRO A 84 5.07 -7.85 8.00
C PRO A 84 5.86 -9.05 8.51
N GLU A 85 5.90 -9.21 9.83
CA GLU A 85 6.62 -10.31 10.44
C GLU A 85 6.07 -11.66 9.97
N ALA A 22 -14.15 -1.97 -0.07
CA ALA A 22 -14.26 -1.40 -1.40
C ALA A 22 -13.42 -2.20 -2.41
N GLY A 23 -12.13 -2.30 -2.13
CA GLY A 23 -11.24 -3.02 -3.04
C GLY A 23 -10.44 -4.10 -2.32
N LEU A 24 -9.13 -3.88 -2.22
CA LEU A 24 -8.24 -4.84 -1.59
C LEU A 24 -7.64 -4.28 -0.31
N SER A 25 -7.33 -5.16 0.64
CA SER A 25 -6.74 -4.74 1.90
C SER A 25 -5.44 -5.48 2.18
N PHE A 26 -4.41 -4.75 2.56
CA PHE A 26 -3.10 -5.33 2.82
C PHE A 26 -2.58 -4.89 4.19
N HIS A 27 -1.95 -5.82 4.90
CA HIS A 27 -1.51 -5.56 6.27
C HIS A 27 -0.01 -5.66 6.39
N VAL A 28 0.63 -4.59 6.86
CA VAL A 28 2.08 -4.55 6.99
C VAL A 28 2.49 -4.07 8.38
N GLU A 29 2.87 -5.00 9.24
CA GLU A 29 3.11 -4.70 10.65
C GLU A 29 4.33 -3.81 10.81
N ASP A 30 5.32 -4.00 9.94
CA ASP A 30 6.61 -3.34 10.09
C ASP A 30 6.59 -1.94 9.50
N MET A 31 5.49 -1.61 8.82
CA MET A 31 5.40 -0.36 8.08
C MET A 31 5.41 0.84 9.02
N THR A 32 6.42 1.69 8.89
CA THR A 32 6.53 2.88 9.73
C THR A 32 5.65 4.01 9.20
N CYS A 33 5.55 5.08 9.98
CA CYS A 33 4.62 6.16 9.66
C CYS A 33 5.36 7.38 9.13
N GLY A 34 4.76 8.06 8.15
CA GLY A 34 5.36 9.26 7.60
C GLY A 34 5.70 9.11 6.14
N HIS A 35 6.90 9.55 5.77
CA HIS A 35 7.44 9.27 4.44
C HIS A 35 7.73 7.78 4.26
N CYS A 36 6.67 6.98 4.29
CA CYS A 36 6.80 5.53 4.16
C CYS A 36 5.52 4.91 3.61
N ALA A 37 4.50 4.83 4.46
CA ALA A 37 3.15 4.51 4.01
C ALA A 37 2.67 5.55 2.98
N GLY A 38 3.08 6.80 3.17
CA GLY A 38 2.80 7.83 2.19
C GLY A 38 3.48 7.56 0.86
N VAL A 39 4.72 7.08 0.92
CA VAL A 39 5.43 6.67 -0.29
C VAL A 39 4.75 5.49 -0.97
N ILE A 40 4.29 4.54 -0.16
CA ILE A 40 3.55 3.41 -0.68
C ILE A 40 2.22 3.84 -1.30
N LYS A 41 1.55 4.77 -0.64
CA LYS A 41 0.30 5.31 -1.14
C LYS A 41 0.48 5.91 -2.53
N GLY A 42 1.49 6.76 -2.67
CA GLY A 42 1.76 7.39 -3.95
C GLY A 42 2.20 6.39 -5.00
N ALA A 43 3.05 5.45 -4.60
CA ALA A 43 3.59 4.45 -5.53
C ALA A 43 2.46 3.60 -6.11
N ILE A 44 1.51 3.22 -5.26
CA ILE A 44 0.36 2.43 -5.71
C ILE A 44 -0.58 3.28 -6.57
N GLU A 45 -0.85 4.50 -6.12
CA GLU A 45 -1.72 5.40 -6.86
C GLU A 45 -1.22 5.61 -8.29
N LYS A 46 0.09 5.72 -8.44
CA LYS A 46 0.69 6.00 -9.74
C LYS A 46 0.62 4.77 -10.64
N THR A 47 0.86 3.60 -10.06
CA THR A 47 1.03 2.38 -10.83
C THR A 47 -0.32 1.71 -11.10
N VAL A 48 -1.29 2.00 -10.25
CA VAL A 48 -2.65 1.49 -10.44
C VAL A 48 -3.60 2.60 -10.86
N PRO A 49 -4.08 2.52 -12.10
CA PRO A 49 -4.89 3.58 -12.71
C PRO A 49 -6.30 3.63 -12.14
N GLY A 50 -6.75 4.83 -11.77
CA GLY A 50 -8.13 5.01 -11.36
C GLY A 50 -8.46 4.25 -10.09
N ALA A 51 -7.55 4.28 -9.13
CA ALA A 51 -7.80 3.67 -7.82
C ALA A 51 -7.50 4.65 -6.69
N ALA A 52 -8.32 4.60 -5.64
CA ALA A 52 -8.09 5.40 -4.45
C ALA A 52 -7.28 4.62 -3.43
N VAL A 53 -6.10 5.14 -3.10
CA VAL A 53 -5.19 4.45 -2.17
C VAL A 53 -5.22 5.12 -0.80
N HIS A 54 -5.60 4.36 0.21
CA HIS A 54 -5.63 4.85 1.59
C HIS A 54 -4.72 4.04 2.48
N ALA A 55 -3.56 4.60 2.81
CA ALA A 55 -2.60 3.93 3.68
C ALA A 55 -2.67 4.49 5.10
N ASP A 56 -2.81 3.60 6.07
CA ASP A 56 -2.77 3.98 7.48
C ASP A 56 -1.73 3.18 8.25
N PRO A 57 -0.56 3.78 8.46
CA PRO A 57 0.56 3.12 9.15
C PRO A 57 0.35 3.03 10.65
N ALA A 58 -0.55 3.86 11.16
CA ALA A 58 -1.00 3.73 12.55
C ALA A 58 -1.83 2.46 12.74
N SER A 59 -2.63 2.13 11.74
CA SER A 59 -3.34 0.85 11.73
C SER A 59 -2.53 -0.21 10.98
N ARG A 60 -1.41 0.20 10.41
CA ARG A 60 -0.50 -0.73 9.75
C ARG A 60 -1.18 -1.43 8.58
N THR A 61 -2.14 -0.74 7.97
CA THR A 61 -2.97 -1.34 6.93
C THR A 61 -3.12 -0.41 5.73
N VAL A 62 -2.98 -0.98 4.53
CA VAL A 62 -3.22 -0.23 3.31
C VAL A 62 -4.43 -0.77 2.55
N VAL A 63 -5.39 0.10 2.28
CA VAL A 63 -6.59 -0.28 1.54
C VAL A 63 -6.68 0.45 0.20
N VAL A 64 -6.86 -0.32 -0.86
CA VAL A 64 -6.98 0.25 -2.20
C VAL A 64 -8.35 -0.03 -2.80
N GLY A 65 -9.09 1.03 -3.09
CA GLY A 65 -10.46 0.88 -3.55
C GLY A 65 -10.54 0.41 -4.99
N GLY A 66 -11.61 -0.31 -5.30
CA GLY A 66 -11.81 -0.78 -6.67
C GLY A 66 -11.08 -2.08 -6.95
N VAL A 67 -9.98 -1.99 -7.68
CA VAL A 67 -9.18 -3.17 -8.00
C VAL A 67 -7.70 -2.81 -8.16
N SER A 68 -6.83 -3.71 -7.71
CA SER A 68 -5.40 -3.49 -7.81
C SER A 68 -4.65 -4.80 -8.03
N ASP A 69 -3.64 -4.75 -8.88
CA ASP A 69 -2.75 -5.90 -9.08
C ASP A 69 -1.93 -6.17 -7.82
N ALA A 70 -2.30 -7.24 -7.11
CA ALA A 70 -1.65 -7.57 -5.84
C ALA A 70 -0.16 -7.81 -6.02
N ALA A 71 0.22 -8.29 -7.20
CA ALA A 71 1.62 -8.52 -7.52
C ALA A 71 2.42 -7.22 -7.46
N HIS A 72 1.85 -6.16 -8.01
CA HIS A 72 2.49 -4.85 -7.99
C HIS A 72 2.49 -4.27 -6.57
N ILE A 73 1.42 -4.52 -5.84
CA ILE A 73 1.33 -4.08 -4.44
C ILE A 73 2.45 -4.69 -3.61
N ALA A 74 2.69 -5.98 -3.81
CA ALA A 74 3.74 -6.69 -3.07
C ALA A 74 5.12 -6.14 -3.42
N GLU A 75 5.32 -5.83 -4.71
CA GLU A 75 6.60 -5.30 -5.17
C GLU A 75 6.85 -3.92 -4.57
N ILE A 76 5.82 -3.09 -4.53
CA ILE A 76 5.94 -1.74 -3.99
C ILE A 76 6.27 -1.76 -2.50
N ILE A 77 5.49 -2.53 -1.75
CA ILE A 77 5.65 -2.59 -0.30
C ILE A 77 6.98 -3.25 0.07
N THR A 78 7.33 -4.30 -0.65
CA THR A 78 8.62 -4.97 -0.46
C THR A 78 9.77 -4.02 -0.78
N ALA A 79 9.59 -3.22 -1.82
CA ALA A 79 10.60 -2.23 -2.21
C ALA A 79 10.77 -1.17 -1.11
N ALA A 80 9.70 -0.93 -0.36
CA ALA A 80 9.76 -0.04 0.79
C ALA A 80 10.46 -0.71 1.97
N GLY A 81 10.70 -2.01 1.85
CA GLY A 81 11.52 -2.70 2.82
C GLY A 81 10.70 -3.28 3.96
N TYR A 82 9.38 -3.30 3.79
CA TYR A 82 8.49 -3.83 4.82
C TYR A 82 7.64 -4.98 4.27
N THR A 83 8.26 -6.16 4.20
CA THR A 83 7.56 -7.34 3.69
C THR A 83 6.15 -7.44 4.25
N PRO A 84 5.16 -7.47 3.35
CA PRO A 84 3.74 -7.49 3.74
C PRO A 84 3.28 -8.86 4.21
N GLU A 85 2.27 -8.88 5.08
CA GLU A 85 1.67 -10.12 5.52
C GLU A 85 1.07 -10.88 4.33
N ALA A 22 -14.35 -2.25 -0.19
CA ALA A 22 -14.45 -1.67 -1.53
C ALA A 22 -13.55 -2.42 -2.51
N GLY A 23 -12.26 -2.49 -2.19
CA GLY A 23 -11.32 -3.17 -3.07
C GLY A 23 -10.51 -4.22 -2.35
N LEU A 24 -9.20 -3.98 -2.24
CA LEU A 24 -8.30 -4.94 -1.60
C LEU A 24 -7.70 -4.34 -0.32
N SER A 25 -7.40 -5.21 0.63
CA SER A 25 -6.80 -4.77 1.89
C SER A 25 -5.48 -5.50 2.14
N PHE A 26 -4.45 -4.73 2.50
CA PHE A 26 -3.13 -5.29 2.75
C PHE A 26 -2.60 -4.85 4.12
N HIS A 27 -1.96 -5.78 4.83
CA HIS A 27 -1.53 -5.52 6.20
C HIS A 27 -0.01 -5.63 6.32
N VAL A 28 0.62 -4.56 6.79
CA VAL A 28 2.06 -4.52 6.93
C VAL A 28 2.48 -4.04 8.32
N GLU A 29 2.87 -4.97 9.17
CA GLU A 29 3.11 -4.67 10.58
C GLU A 29 4.36 -3.80 10.74
N ASP A 30 5.34 -4.02 9.88
CA ASP A 30 6.64 -3.40 10.03
C ASP A 30 6.64 -1.98 9.46
N MET A 31 5.56 -1.63 8.76
CA MET A 31 5.50 -0.37 8.04
C MET A 31 5.47 0.81 9.01
N THR A 32 6.48 1.67 8.91
CA THR A 32 6.57 2.84 9.77
C THR A 32 5.74 3.99 9.23
N CYS A 33 5.60 5.04 10.04
CA CYS A 33 4.68 6.14 9.72
C CYS A 33 5.45 7.36 9.23
N GLY A 34 4.89 8.04 8.24
CA GLY A 34 5.52 9.25 7.72
C GLY A 34 5.89 9.13 6.26
N HIS A 35 7.10 9.57 5.93
CA HIS A 35 7.66 9.31 4.61
C HIS A 35 7.97 7.83 4.42
N CYS A 36 6.93 7.01 4.42
CA CYS A 36 7.09 5.56 4.30
C CYS A 36 5.84 4.92 3.74
N ALA A 37 4.80 4.82 4.56
CA ALA A 37 3.46 4.50 4.08
C ALA A 37 3.01 5.52 3.04
N GLY A 38 3.41 6.77 3.23
CA GLY A 38 3.13 7.79 2.23
C GLY A 38 3.83 7.52 0.92
N VAL A 39 5.07 7.03 0.99
CA VAL A 39 5.80 6.63 -0.20
C VAL A 39 5.12 5.47 -0.92
N ILE A 40 4.66 4.49 -0.13
CA ILE A 40 3.89 3.38 -0.67
C ILE A 40 2.56 3.85 -1.23
N LYS A 41 1.91 4.76 -0.51
CA LYS A 41 0.61 5.28 -0.92
C LYS A 41 0.69 5.92 -2.30
N GLY A 42 1.66 6.82 -2.48
CA GLY A 42 1.84 7.47 -3.76
C GLY A 42 2.27 6.51 -4.85
N ALA A 43 3.15 5.57 -4.49
CA ALA A 43 3.66 4.60 -5.45
C ALA A 43 2.52 3.75 -6.03
N ILE A 44 1.59 3.36 -5.17
CA ILE A 44 0.43 2.60 -5.61
C ILE A 44 -0.50 3.43 -6.46
N GLU A 45 -0.72 4.68 -6.04
CA GLU A 45 -1.60 5.59 -6.77
C GLU A 45 -1.10 5.79 -8.21
N LYS A 46 0.21 5.87 -8.36
CA LYS A 46 0.81 6.13 -9.66
C LYS A 46 0.73 4.89 -10.56
N THR A 47 0.97 3.72 -9.98
CA THR A 47 1.14 2.50 -10.75
C THR A 47 -0.19 1.80 -10.98
N VAL A 48 -1.17 2.09 -10.11
CA VAL A 48 -2.51 1.54 -10.26
C VAL A 48 -3.50 2.59 -10.74
N PRO A 49 -3.97 2.44 -11.99
CA PRO A 49 -4.84 3.44 -12.63
C PRO A 49 -6.26 3.42 -12.08
N GLY A 50 -6.78 4.61 -11.78
CA GLY A 50 -8.20 4.72 -11.46
C GLY A 50 -8.56 4.02 -10.18
N ALA A 51 -7.68 4.07 -9.20
CA ALA A 51 -7.96 3.50 -7.89
C ALA A 51 -7.76 4.53 -6.78
N ALA A 52 -8.60 4.48 -5.76
CA ALA A 52 -8.42 5.30 -4.57
C ALA A 52 -7.61 4.57 -3.51
N VAL A 53 -6.44 5.10 -3.18
CA VAL A 53 -5.54 4.45 -2.25
C VAL A 53 -5.56 5.13 -0.88
N HIS A 54 -5.86 4.36 0.16
CA HIS A 54 -5.85 4.88 1.52
C HIS A 54 -4.90 4.07 2.40
N ALA A 55 -3.76 4.64 2.72
CA ALA A 55 -2.78 3.99 3.59
C ALA A 55 -2.83 4.54 5.00
N ASP A 56 -2.92 3.65 5.98
CA ASP A 56 -2.87 4.04 7.38
C ASP A 56 -1.82 3.23 8.14
N PRO A 57 -0.65 3.84 8.34
CA PRO A 57 0.49 3.19 9.02
C PRO A 57 0.27 3.08 10.53
N ALA A 58 -0.62 3.92 11.06
CA ALA A 58 -1.06 3.78 12.44
C ALA A 58 -1.88 2.52 12.64
N SER A 59 -2.68 2.17 11.65
CA SER A 59 -3.40 0.90 11.64
C SER A 59 -2.58 -0.16 10.90
N ARG A 60 -1.46 0.25 10.31
CA ARG A 60 -0.56 -0.69 9.66
C ARG A 60 -1.24 -1.39 8.49
N THR A 61 -2.20 -0.70 7.88
CA THR A 61 -3.03 -1.31 6.84
C THR A 61 -3.18 -0.37 5.65
N VAL A 62 -3.05 -0.94 4.45
CA VAL A 62 -3.31 -0.18 3.22
C VAL A 62 -4.51 -0.75 2.47
N VAL A 63 -5.49 0.11 2.21
CA VAL A 63 -6.69 -0.30 1.49
C VAL A 63 -6.81 0.41 0.15
N VAL A 64 -7.00 -0.37 -0.91
CA VAL A 64 -7.14 0.19 -2.25
C VAL A 64 -8.51 -0.11 -2.83
N GLY A 65 -9.27 0.93 -3.14
CA GLY A 65 -10.63 0.75 -3.58
C GLY A 65 -10.71 0.27 -5.02
N GLY A 66 -11.77 -0.47 -5.34
CA GLY A 66 -11.96 -0.95 -6.70
C GLY A 66 -11.20 -2.24 -6.97
N VAL A 67 -10.10 -2.13 -7.71
CA VAL A 67 -9.28 -3.29 -8.02
C VAL A 67 -7.80 -2.91 -8.14
N SER A 68 -6.93 -3.80 -7.69
CA SER A 68 -5.49 -3.54 -7.76
C SER A 68 -4.72 -4.84 -7.96
N ASP A 69 -3.69 -4.78 -8.79
CA ASP A 69 -2.78 -5.91 -8.97
C ASP A 69 -1.98 -6.17 -7.70
N ALA A 70 -2.34 -7.21 -6.97
CA ALA A 70 -1.71 -7.51 -5.69
C ALA A 70 -0.21 -7.75 -5.86
N ALA A 71 0.17 -8.25 -7.03
CA ALA A 71 1.58 -8.49 -7.33
C ALA A 71 2.37 -7.19 -7.31
N HIS A 72 1.80 -6.14 -7.90
CA HIS A 72 2.42 -4.83 -7.91
C HIS A 72 2.43 -4.21 -6.51
N ILE A 73 1.34 -4.42 -5.77
CA ILE A 73 1.24 -3.93 -4.41
C ILE A 73 2.34 -4.53 -3.53
N ALA A 74 2.54 -5.83 -3.66
CA ALA A 74 3.56 -6.53 -2.88
C ALA A 74 4.96 -6.06 -3.28
N GLU A 75 5.15 -5.84 -4.58
CA GLU A 75 6.44 -5.37 -5.09
C GLU A 75 6.76 -3.99 -4.54
N ILE A 76 5.76 -3.11 -4.52
CA ILE A 76 5.95 -1.75 -4.01
C ILE A 76 6.27 -1.77 -2.52
N ILE A 77 5.48 -2.50 -1.75
CA ILE A 77 5.65 -2.55 -0.30
C ILE A 77 6.96 -3.21 0.08
N THR A 78 7.30 -4.30 -0.62
CA THR A 78 8.56 -4.98 -0.41
C THR A 78 9.74 -4.07 -0.77
N ALA A 79 9.56 -3.30 -1.84
CA ALA A 79 10.59 -2.35 -2.27
C ALA A 79 10.81 -1.27 -1.20
N ALA A 80 9.77 -0.97 -0.44
CA ALA A 80 9.88 -0.04 0.67
C ALA A 80 10.56 -0.69 1.86
N GLY A 81 10.78 -2.00 1.78
CA GLY A 81 11.58 -2.69 2.77
C GLY A 81 10.76 -3.24 3.91
N TYR A 82 9.44 -3.26 3.74
CA TYR A 82 8.54 -3.79 4.75
C TYR A 82 7.68 -4.93 4.19
N THR A 83 8.29 -6.11 4.07
CA THR A 83 7.59 -7.27 3.54
C THR A 83 6.18 -7.37 4.09
N PRO A 84 5.19 -7.36 3.21
CA PRO A 84 3.77 -7.38 3.60
C PRO A 84 3.31 -8.77 4.03
N GLU A 85 2.31 -8.80 4.91
CA GLU A 85 1.71 -10.07 5.33
C GLU A 85 1.09 -10.79 4.15
N ALA A 22 -14.05 -2.55 -0.36
CA ALA A 22 -14.31 -2.13 -1.73
C ALA A 22 -13.38 -2.85 -2.71
N GLY A 23 -12.09 -2.87 -2.38
CA GLY A 23 -11.12 -3.51 -3.25
C GLY A 23 -10.27 -4.54 -2.52
N LEU A 24 -8.99 -4.24 -2.37
CA LEU A 24 -8.06 -5.17 -1.72
C LEU A 24 -7.50 -4.55 -0.44
N SER A 25 -7.16 -5.41 0.52
CA SER A 25 -6.60 -4.96 1.79
C SER A 25 -5.28 -5.64 2.09
N PHE A 26 -4.29 -4.85 2.48
CA PHE A 26 -2.96 -5.38 2.78
C PHE A 26 -2.47 -4.88 4.14
N HIS A 27 -1.83 -5.77 4.89
CA HIS A 27 -1.38 -5.45 6.24
C HIS A 27 0.14 -5.56 6.34
N VAL A 28 0.77 -4.50 6.83
CA VAL A 28 2.22 -4.48 7.00
C VAL A 28 2.61 -4.23 8.44
N GLU A 29 3.11 -5.26 9.11
CA GLU A 29 3.35 -5.20 10.54
C GLU A 29 4.40 -4.15 10.89
N ASP A 30 5.33 -3.92 9.97
CA ASP A 30 6.43 -2.99 10.20
C ASP A 30 6.19 -1.68 9.46
N MET A 31 4.92 -1.34 9.26
CA MET A 31 4.56 -0.12 8.54
C MET A 31 4.89 1.12 9.36
N THR A 32 5.86 1.89 8.89
CA THR A 32 6.19 3.18 9.51
C THR A 32 5.09 4.20 9.28
N CYS A 33 5.21 5.34 9.95
CA CYS A 33 4.27 6.45 9.75
C CYS A 33 5.01 7.69 9.26
N GLY A 34 4.39 8.41 8.32
CA GLY A 34 4.92 9.68 7.88
C GLY A 34 5.60 9.59 6.52
N HIS A 35 6.70 10.31 6.36
CA HIS A 35 7.43 10.34 5.09
C HIS A 35 8.32 9.10 4.96
N CYS A 36 7.70 7.93 4.89
CA CYS A 36 8.42 6.68 4.69
C CYS A 36 7.53 5.63 4.07
N ALA A 37 6.63 5.06 4.87
CA ALA A 37 5.53 4.26 4.34
C ALA A 37 4.68 5.07 3.38
N GLY A 38 4.66 6.38 3.56
CA GLY A 38 3.99 7.26 2.61
C GLY A 38 4.47 7.05 1.19
N VAL A 39 5.73 6.63 1.04
CA VAL A 39 6.26 6.27 -0.26
C VAL A 39 5.45 5.16 -0.92
N ILE A 40 5.01 4.20 -0.10
CA ILE A 40 4.19 3.10 -0.58
C ILE A 40 2.86 3.60 -1.11
N LYS A 41 2.22 4.50 -0.36
CA LYS A 41 0.92 5.03 -0.75
C LYS A 41 0.99 5.72 -2.11
N GLY A 42 1.96 6.61 -2.27
CA GLY A 42 2.12 7.31 -3.53
C GLY A 42 2.51 6.39 -4.67
N ALA A 43 3.38 5.42 -4.37
CA ALA A 43 3.83 4.47 -5.37
C ALA A 43 2.66 3.65 -5.92
N ILE A 44 1.74 3.27 -5.03
CA ILE A 44 0.55 2.54 -5.43
C ILE A 44 -0.38 3.41 -6.27
N GLU A 45 -0.57 4.65 -5.83
CA GLU A 45 -1.44 5.58 -6.52
C GLU A 45 -1.01 5.76 -7.98
N LYS A 46 0.30 5.77 -8.19
CA LYS A 46 0.85 6.00 -9.52
C LYS A 46 0.61 4.80 -10.43
N THR A 47 0.76 3.61 -9.87
CA THR A 47 0.82 2.39 -10.67
C THR A 47 -0.57 1.79 -10.85
N VAL A 48 -1.49 2.16 -9.97
CA VAL A 48 -2.87 1.69 -10.05
C VAL A 48 -3.79 2.77 -10.58
N PRO A 49 -4.33 2.55 -11.79
CA PRO A 49 -5.13 3.56 -12.50
C PRO A 49 -6.54 3.69 -11.94
N GLY A 50 -7.00 4.93 -11.77
CA GLY A 50 -8.40 5.17 -11.48
C GLY A 50 -8.89 4.38 -10.29
N ALA A 51 -8.15 4.46 -9.19
CA ALA A 51 -8.56 3.80 -7.96
C ALA A 51 -8.21 4.66 -6.74
N ALA A 52 -9.00 4.53 -5.68
CA ALA A 52 -8.77 5.28 -4.46
C ALA A 52 -7.86 4.51 -3.50
N VAL A 53 -6.70 5.06 -3.20
CA VAL A 53 -5.72 4.41 -2.35
C VAL A 53 -5.68 5.06 -0.97
N HIS A 54 -5.98 4.26 0.06
CA HIS A 54 -6.00 4.76 1.43
C HIS A 54 -5.05 3.95 2.32
N ALA A 55 -3.92 4.55 2.66
CA ALA A 55 -2.96 3.92 3.56
C ALA A 55 -3.07 4.50 4.97
N ASP A 56 -3.23 3.62 5.95
CA ASP A 56 -3.25 4.04 7.34
C ASP A 56 -2.10 3.41 8.13
N PRO A 57 -1.03 4.20 8.33
CA PRO A 57 0.17 3.72 9.02
C PRO A 57 -0.04 3.58 10.52
N ALA A 58 -1.04 4.27 11.05
CA ALA A 58 -1.45 4.10 12.44
C ALA A 58 -2.07 2.72 12.65
N SER A 59 -2.84 2.26 11.67
CA SER A 59 -3.37 0.91 11.69
C SER A 59 -2.45 -0.06 10.94
N ARG A 60 -1.39 0.49 10.35
CA ARG A 60 -0.40 -0.32 9.66
C ARG A 60 -1.06 -1.14 8.54
N THR A 61 -2.07 -0.56 7.91
CA THR A 61 -2.86 -1.28 6.92
C THR A 61 -3.14 -0.40 5.70
N VAL A 62 -2.96 -0.97 4.51
CA VAL A 62 -3.21 -0.25 3.27
C VAL A 62 -4.37 -0.86 2.51
N VAL A 63 -5.38 -0.03 2.20
CA VAL A 63 -6.54 -0.50 1.45
C VAL A 63 -6.65 0.23 0.11
N VAL A 64 -6.82 -0.55 -0.95
CA VAL A 64 -7.00 0.02 -2.28
C VAL A 64 -8.38 -0.32 -2.84
N GLY A 65 -9.19 0.70 -3.09
CA GLY A 65 -10.56 0.48 -3.50
C GLY A 65 -10.68 0.12 -4.97
N GLY A 66 -11.73 -0.60 -5.32
CA GLY A 66 -11.97 -0.95 -6.71
C GLY A 66 -11.21 -2.19 -7.14
N VAL A 67 -10.23 -2.01 -8.02
CA VAL A 67 -9.42 -3.13 -8.49
C VAL A 67 -7.94 -2.76 -8.50
N SER A 68 -7.10 -3.70 -8.08
CA SER A 68 -5.66 -3.49 -8.06
C SER A 68 -4.92 -4.81 -8.27
N ASP A 69 -3.84 -4.76 -9.05
CA ASP A 69 -2.94 -5.90 -9.18
C ASP A 69 -2.16 -6.14 -7.89
N ALA A 70 -2.59 -7.12 -7.12
CA ALA A 70 -2.00 -7.38 -5.82
C ALA A 70 -0.52 -7.72 -5.93
N ALA A 71 -0.15 -8.35 -7.05
CA ALA A 71 1.24 -8.67 -7.31
C ALA A 71 2.12 -7.42 -7.34
N HIS A 72 1.60 -6.37 -7.97
CA HIS A 72 2.32 -5.10 -8.05
C HIS A 72 2.36 -4.42 -6.68
N ILE A 73 1.27 -4.54 -5.93
CA ILE A 73 1.22 -3.98 -4.59
C ILE A 73 2.27 -4.61 -3.68
N ALA A 74 2.42 -5.92 -3.78
CA ALA A 74 3.40 -6.64 -2.99
C ALA A 74 4.82 -6.23 -3.37
N GLU A 75 5.04 -6.02 -4.67
CA GLU A 75 6.34 -5.56 -5.16
C GLU A 75 6.65 -4.16 -4.64
N ILE A 76 5.64 -3.30 -4.61
CA ILE A 76 5.81 -1.93 -4.13
C ILE A 76 6.17 -1.91 -2.66
N ILE A 77 5.39 -2.62 -1.85
CA ILE A 77 5.59 -2.63 -0.41
C ILE A 77 6.91 -3.30 -0.03
N THR A 78 7.21 -4.41 -0.69
CA THR A 78 8.48 -5.10 -0.48
C THR A 78 9.65 -4.22 -0.88
N ALA A 79 9.49 -3.48 -1.97
CA ALA A 79 10.53 -2.58 -2.44
C ALA A 79 10.79 -1.46 -1.43
N ALA A 80 9.77 -1.12 -0.66
CA ALA A 80 9.90 -0.15 0.42
C ALA A 80 10.59 -0.78 1.64
N GLY A 81 10.79 -2.09 1.58
CA GLY A 81 11.61 -2.75 2.58
C GLY A 81 10.79 -3.30 3.74
N TYR A 82 9.47 -3.27 3.59
CA TYR A 82 8.57 -3.76 4.62
C TYR A 82 7.66 -4.86 4.07
N THR A 83 8.22 -6.04 3.86
CA THR A 83 7.48 -7.15 3.28
C THR A 83 6.09 -7.26 3.91
N PRO A 84 5.06 -7.25 3.05
CA PRO A 84 3.66 -7.29 3.50
C PRO A 84 3.22 -8.70 3.89
N GLU A 85 2.21 -8.78 4.75
CA GLU A 85 1.61 -10.06 5.10
C GLU A 85 1.04 -10.75 3.87
N ALA A 22 -13.87 -2.41 0.41
CA ALA A 22 -13.99 -1.75 -0.88
C ALA A 22 -13.20 -2.49 -1.95
N GLY A 23 -11.89 -2.59 -1.75
CA GLY A 23 -11.05 -3.26 -2.72
C GLY A 23 -10.15 -4.30 -2.09
N LEU A 24 -8.85 -4.01 -2.06
CA LEU A 24 -7.88 -4.94 -1.49
C LEU A 24 -7.32 -4.38 -0.18
N SER A 25 -6.97 -5.28 0.74
CA SER A 25 -6.40 -4.88 2.03
C SER A 25 -5.05 -5.56 2.26
N PHE A 26 -4.05 -4.77 2.62
CA PHE A 26 -2.71 -5.30 2.91
C PHE A 26 -2.26 -4.87 4.30
N HIS A 27 -1.61 -5.80 5.00
CA HIS A 27 -1.25 -5.59 6.40
C HIS A 27 0.26 -5.69 6.60
N VAL A 28 0.86 -4.64 7.13
CA VAL A 28 2.31 -4.59 7.32
C VAL A 28 2.66 -4.32 8.77
N GLU A 29 3.18 -5.33 9.46
CA GLU A 29 3.44 -5.25 10.89
C GLU A 29 4.52 -4.22 11.18
N ASP A 30 5.47 -4.08 10.26
CA ASP A 30 6.63 -3.22 10.47
C ASP A 30 6.40 -1.85 9.83
N MET A 31 5.14 -1.52 9.57
CA MET A 31 4.80 -0.27 8.91
C MET A 31 5.04 0.92 9.84
N THR A 32 6.04 1.73 9.51
CA THR A 32 6.23 3.02 10.17
C THR A 32 5.33 4.09 9.56
N CYS A 33 5.28 5.25 10.19
CA CYS A 33 4.32 6.28 9.83
C CYS A 33 5.02 7.53 9.33
N GLY A 34 4.52 8.10 8.24
CA GLY A 34 5.13 9.29 7.67
C GLY A 34 5.50 9.11 6.22
N HIS A 35 6.65 9.66 5.83
CA HIS A 35 7.19 9.45 4.50
C HIS A 35 7.60 7.99 4.29
N CYS A 36 6.62 7.11 4.30
CA CYS A 36 6.87 5.68 4.08
C CYS A 36 5.65 4.99 3.49
N ALA A 37 4.63 4.80 4.31
CA ALA A 37 3.30 4.43 3.83
C ALA A 37 2.77 5.47 2.86
N GLY A 38 3.12 6.74 3.09
CA GLY A 38 2.81 7.78 2.13
C GLY A 38 3.53 7.59 0.81
N VAL A 39 4.80 7.20 0.88
CA VAL A 39 5.57 6.87 -0.31
C VAL A 39 4.97 5.66 -1.03
N ILE A 40 4.54 4.67 -0.26
CA ILE A 40 3.90 3.48 -0.82
C ILE A 40 2.55 3.84 -1.44
N LYS A 41 1.79 4.68 -0.73
CA LYS A 41 0.49 5.13 -1.22
C LYS A 41 0.64 5.80 -2.59
N GLY A 42 1.62 6.70 -2.70
CA GLY A 42 1.89 7.34 -3.98
C GLY A 42 2.41 6.37 -5.02
N ALA A 43 3.24 5.44 -4.59
CA ALA A 43 3.82 4.46 -5.49
C ALA A 43 2.75 3.58 -6.12
N ILE A 44 1.79 3.15 -5.31
CA ILE A 44 0.68 2.35 -5.79
C ILE A 44 -0.29 3.19 -6.63
N GLU A 45 -0.61 4.39 -6.13
CA GLU A 45 -1.49 5.31 -6.84
C GLU A 45 -0.93 5.60 -8.24
N LYS A 46 0.39 5.69 -8.34
CA LYS A 46 1.04 6.06 -9.59
C LYS A 46 0.90 4.94 -10.63
N THR A 47 1.07 3.70 -10.18
CA THR A 47 1.17 2.56 -11.08
C THR A 47 -0.18 1.91 -11.31
N VAL A 48 -1.08 2.07 -10.35
CA VAL A 48 -2.43 1.55 -10.48
C VAL A 48 -3.43 2.65 -10.85
N PRO A 49 -3.92 2.59 -12.09
CA PRO A 49 -4.81 3.63 -12.63
C PRO A 49 -6.25 3.47 -12.13
N GLY A 50 -6.89 4.59 -11.83
CA GLY A 50 -8.32 4.59 -11.57
C GLY A 50 -8.66 3.86 -10.28
N ALA A 51 -7.80 3.99 -9.28
CA ALA A 51 -8.06 3.43 -7.96
C ALA A 51 -7.62 4.38 -6.86
N ALA A 52 -8.37 4.41 -5.76
CA ALA A 52 -8.03 5.25 -4.62
C ALA A 52 -7.25 4.46 -3.58
N VAL A 53 -6.01 4.89 -3.32
CA VAL A 53 -5.14 4.20 -2.38
C VAL A 53 -5.10 4.92 -1.04
N HIS A 54 -5.45 4.21 0.02
CA HIS A 54 -5.46 4.78 1.36
C HIS A 54 -4.59 3.98 2.32
N ALA A 55 -3.43 4.53 2.65
CA ALA A 55 -2.52 3.88 3.59
C ALA A 55 -2.66 4.46 4.99
N ASP A 56 -2.91 3.59 5.96
CA ASP A 56 -2.94 4.00 7.36
C ASP A 56 -1.86 3.28 8.16
N PRO A 57 -0.73 3.96 8.40
CA PRO A 57 0.41 3.40 9.13
C PRO A 57 0.13 3.26 10.61
N ALA A 58 -0.80 4.05 11.12
CA ALA A 58 -1.27 3.91 12.50
C ALA A 58 -2.01 2.59 12.69
N SER A 59 -2.77 2.19 11.68
CA SER A 59 -3.42 0.88 11.68
C SER A 59 -2.56 -0.16 10.99
N ARG A 60 -1.43 0.29 10.43
CA ARG A 60 -0.47 -0.62 9.80
C ARG A 60 -1.11 -1.36 8.63
N THR A 61 -2.07 -0.72 7.99
CA THR A 61 -2.86 -1.36 6.95
C THR A 61 -3.02 -0.46 5.73
N VAL A 62 -2.83 -1.01 4.54
CA VAL A 62 -3.04 -0.27 3.30
C VAL A 62 -4.24 -0.82 2.54
N VAL A 63 -5.21 0.04 2.28
CA VAL A 63 -6.42 -0.36 1.58
C VAL A 63 -6.55 0.35 0.24
N VAL A 64 -6.80 -0.43 -0.82
CA VAL A 64 -6.98 0.13 -2.15
C VAL A 64 -8.38 -0.15 -2.68
N GLY A 65 -9.15 0.92 -2.89
CA GLY A 65 -10.54 0.76 -3.27
C GLY A 65 -10.71 0.38 -4.73
N GLY A 66 -11.81 -0.31 -5.04
CA GLY A 66 -12.10 -0.66 -6.42
C GLY A 66 -11.41 -1.93 -6.84
N VAL A 67 -10.37 -1.80 -7.65
CA VAL A 67 -9.60 -2.95 -8.10
C VAL A 67 -8.14 -2.58 -8.34
N SER A 68 -7.24 -3.49 -7.99
CA SER A 68 -5.81 -3.25 -8.13
C SER A 68 -5.05 -4.55 -8.34
N ASP A 69 -4.03 -4.51 -9.19
CA ASP A 69 -3.08 -5.62 -9.30
C ASP A 69 -2.27 -5.77 -8.02
N ALA A 70 -2.63 -6.76 -7.22
CA ALA A 70 -1.99 -6.96 -5.92
C ALA A 70 -0.51 -7.31 -6.08
N ALA A 71 -0.18 -7.96 -7.19
CA ALA A 71 1.19 -8.37 -7.46
C ALA A 71 2.13 -7.17 -7.47
N HIS A 72 1.67 -6.06 -8.05
CA HIS A 72 2.47 -4.84 -8.10
C HIS A 72 2.58 -4.20 -6.72
N ILE A 73 1.48 -4.21 -5.98
CA ILE A 73 1.47 -3.64 -4.63
C ILE A 73 2.44 -4.37 -3.71
N ALA A 74 2.48 -5.70 -3.83
CA ALA A 74 3.38 -6.50 -3.02
C ALA A 74 4.84 -6.18 -3.33
N GLU A 75 5.14 -5.97 -4.61
CA GLU A 75 6.47 -5.57 -5.02
C GLU A 75 6.82 -4.19 -4.49
N ILE A 76 5.84 -3.29 -4.50
CA ILE A 76 6.05 -1.92 -4.06
C ILE A 76 6.38 -1.87 -2.57
N ILE A 77 5.54 -2.52 -1.77
CA ILE A 77 5.70 -2.49 -0.32
C ILE A 77 6.97 -3.23 0.12
N THR A 78 7.24 -4.36 -0.52
CA THR A 78 8.49 -5.08 -0.31
C THR A 78 9.69 -4.22 -0.70
N ALA A 79 9.55 -3.47 -1.79
CA ALA A 79 10.60 -2.58 -2.24
C ALA A 79 10.86 -1.47 -1.23
N ALA A 80 9.81 -1.09 -0.50
CA ALA A 80 9.95 -0.15 0.61
C ALA A 80 10.60 -0.82 1.82
N GLY A 81 10.79 -2.12 1.74
CA GLY A 81 11.58 -2.83 2.74
C GLY A 81 10.72 -3.40 3.85
N TYR A 82 9.41 -3.37 3.67
CA TYR A 82 8.48 -3.87 4.67
C TYR A 82 7.52 -4.91 4.06
N THR A 83 8.07 -6.06 3.71
CA THR A 83 7.28 -7.11 3.07
C THR A 83 5.93 -7.29 3.77
N PRO A 84 4.84 -7.17 2.99
CA PRO A 84 3.48 -7.24 3.53
C PRO A 84 3.04 -8.68 3.80
N GLU A 85 2.09 -8.85 4.71
CA GLU A 85 1.51 -10.16 4.97
C GLU A 85 0.92 -10.77 3.70
N ALA A 22 -13.96 -2.56 0.35
CA ALA A 22 -14.18 -1.95 -0.96
C ALA A 22 -13.36 -2.66 -2.04
N GLY A 23 -12.05 -2.73 -1.82
CA GLY A 23 -11.17 -3.37 -2.80
C GLY A 23 -10.26 -4.40 -2.17
N LEU A 24 -8.97 -4.09 -2.11
CA LEU A 24 -7.99 -5.00 -1.53
C LEU A 24 -7.43 -4.43 -0.24
N SER A 25 -7.06 -5.33 0.69
CA SER A 25 -6.50 -4.92 1.97
C SER A 25 -5.15 -5.59 2.19
N PHE A 26 -4.15 -4.78 2.57
CA PHE A 26 -2.82 -5.29 2.84
C PHE A 26 -2.34 -4.87 4.23
N HIS A 27 -1.68 -5.80 4.92
CA HIS A 27 -1.31 -5.58 6.32
C HIS A 27 0.20 -5.69 6.50
N VAL A 28 0.81 -4.61 7.00
CA VAL A 28 2.26 -4.56 7.16
C VAL A 28 2.64 -4.26 8.60
N GLU A 29 3.19 -5.26 9.28
CA GLU A 29 3.48 -5.15 10.71
C GLU A 29 4.54 -4.09 10.97
N ASP A 30 5.45 -3.93 10.01
CA ASP A 30 6.56 -3.00 10.17
C ASP A 30 6.24 -1.65 9.56
N MET A 31 4.96 -1.39 9.33
CA MET A 31 4.51 -0.16 8.70
C MET A 31 4.69 1.03 9.64
N THR A 32 5.71 1.85 9.38
CA THR A 32 5.90 3.09 10.11
C THR A 32 5.00 4.19 9.56
N CYS A 33 5.01 5.34 10.24
CA CYS A 33 4.11 6.44 9.87
C CYS A 33 4.92 7.68 9.47
N GLY A 34 4.49 8.33 8.40
CA GLY A 34 5.14 9.55 7.95
C GLY A 34 5.72 9.41 6.56
N HIS A 35 6.87 10.05 6.34
CA HIS A 35 7.55 9.96 5.05
C HIS A 35 8.14 8.56 4.83
N CYS A 36 7.27 7.57 4.74
CA CYS A 36 7.69 6.20 4.46
C CYS A 36 6.56 5.40 3.81
N ALA A 37 5.55 5.07 4.60
CA ALA A 37 4.30 4.55 4.06
C ALA A 37 3.69 5.53 3.06
N GLY A 38 3.97 6.81 3.23
CA GLY A 38 3.58 7.81 2.26
C GLY A 38 4.18 7.53 0.89
N VAL A 39 5.42 7.03 0.87
CA VAL A 39 6.04 6.61 -0.37
C VAL A 39 5.30 5.45 -1.00
N ILE A 40 4.85 4.51 -0.16
CA ILE A 40 4.08 3.36 -0.63
C ILE A 40 2.74 3.81 -1.22
N LYS A 41 2.06 4.70 -0.52
CA LYS A 41 0.76 5.20 -0.97
C LYS A 41 0.88 5.85 -2.33
N GLY A 42 1.87 6.72 -2.50
CA GLY A 42 2.09 7.37 -3.77
C GLY A 42 2.55 6.39 -4.84
N ALA A 43 3.40 5.45 -4.45
CA ALA A 43 3.93 4.47 -5.40
C ALA A 43 2.81 3.60 -5.98
N ILE A 44 1.88 3.19 -5.12
CA ILE A 44 0.74 2.39 -5.56
C ILE A 44 -0.24 3.22 -6.38
N GLU A 45 -0.56 4.41 -5.87
CA GLU A 45 -1.46 5.31 -6.58
C GLU A 45 -0.94 5.61 -7.98
N LYS A 46 0.38 5.72 -8.11
CA LYS A 46 0.99 6.10 -9.38
C LYS A 46 0.83 4.97 -10.40
N THR A 47 1.00 3.74 -9.95
CA THR A 47 1.13 2.60 -10.86
C THR A 47 -0.22 1.93 -11.08
N VAL A 48 -1.13 2.11 -10.13
CA VAL A 48 -2.48 1.55 -10.26
C VAL A 48 -3.47 2.61 -10.72
N PRO A 49 -3.97 2.43 -11.96
CA PRO A 49 -4.87 3.41 -12.59
C PRO A 49 -6.30 3.30 -12.09
N GLY A 50 -6.94 4.44 -11.90
CA GLY A 50 -8.38 4.45 -11.64
C GLY A 50 -8.74 3.71 -10.38
N ALA A 51 -7.96 3.92 -9.32
CA ALA A 51 -8.26 3.35 -8.01
C ALA A 51 -7.86 4.30 -6.89
N ALA A 52 -8.62 4.28 -5.80
CA ALA A 52 -8.32 5.12 -4.65
C ALA A 52 -7.48 4.36 -3.62
N VAL A 53 -6.26 4.87 -3.38
CA VAL A 53 -5.34 4.20 -2.47
C VAL A 53 -5.29 4.93 -1.13
N HIS A 54 -5.61 4.21 -0.06
CA HIS A 54 -5.61 4.78 1.28
C HIS A 54 -4.74 3.97 2.22
N ALA A 55 -3.60 4.54 2.59
CA ALA A 55 -2.68 3.88 3.53
C ALA A 55 -2.84 4.46 4.93
N ASP A 56 -3.06 3.59 5.91
CA ASP A 56 -3.08 4.00 7.31
C ASP A 56 -1.97 3.31 8.10
N PRO A 57 -0.88 4.04 8.34
CA PRO A 57 0.28 3.51 9.06
C PRO A 57 0.02 3.34 10.56
N ALA A 58 -0.95 4.10 11.07
CA ALA A 58 -1.40 3.92 12.45
C ALA A 58 -2.10 2.58 12.63
N SER A 59 -2.85 2.17 11.62
CA SER A 59 -3.48 0.85 11.62
C SER A 59 -2.59 -0.17 10.90
N ARG A 60 -1.49 0.31 10.33
CA ARG A 60 -0.52 -0.56 9.68
C ARG A 60 -1.16 -1.31 8.52
N THR A 61 -2.12 -0.67 7.87
CA THR A 61 -2.92 -1.32 6.84
C THR A 61 -3.09 -0.43 5.62
N VAL A 62 -2.90 -1.01 4.43
CA VAL A 62 -3.14 -0.30 3.19
C VAL A 62 -4.36 -0.86 2.46
N VAL A 63 -5.34 0.00 2.19
CA VAL A 63 -6.56 -0.41 1.51
C VAL A 63 -6.70 0.29 0.16
N VAL A 64 -6.94 -0.48 -0.89
CA VAL A 64 -7.14 0.08 -2.21
C VAL A 64 -8.54 -0.23 -2.73
N GLY A 65 -9.33 0.82 -2.95
CA GLY A 65 -10.71 0.63 -3.32
C GLY A 65 -10.88 0.23 -4.78
N GLY A 66 -11.96 -0.49 -5.07
CA GLY A 66 -12.24 -0.86 -6.44
C GLY A 66 -11.51 -2.12 -6.86
N VAL A 67 -10.46 -1.96 -7.66
CA VAL A 67 -9.66 -3.09 -8.13
C VAL A 67 -8.21 -2.68 -8.36
N SER A 68 -7.30 -3.59 -8.02
CA SER A 68 -5.88 -3.32 -8.15
C SER A 68 -5.09 -4.61 -8.36
N ASP A 69 -4.05 -4.54 -9.18
CA ASP A 69 -3.09 -5.63 -9.29
C ASP A 69 -2.29 -5.78 -8.00
N ALA A 70 -2.66 -6.78 -7.20
CA ALA A 70 -2.03 -6.98 -5.90
C ALA A 70 -0.56 -7.32 -6.03
N ALA A 71 -0.21 -7.98 -7.13
CA ALA A 71 1.16 -8.38 -7.38
C ALA A 71 2.09 -7.17 -7.40
N HIS A 72 1.62 -6.09 -8.03
CA HIS A 72 2.40 -4.86 -8.10
C HIS A 72 2.51 -4.20 -6.74
N ILE A 73 1.42 -4.21 -5.98
CA ILE A 73 1.40 -3.62 -4.65
C ILE A 73 2.37 -4.36 -3.72
N ALA A 74 2.41 -5.68 -3.84
CA ALA A 74 3.31 -6.50 -3.04
C ALA A 74 4.77 -6.19 -3.37
N GLU A 75 5.04 -5.99 -4.66
CA GLU A 75 6.39 -5.61 -5.10
C GLU A 75 6.76 -4.23 -4.58
N ILE A 76 5.78 -3.32 -4.59
CA ILE A 76 6.01 -1.95 -4.14
C ILE A 76 6.36 -1.91 -2.66
N ILE A 77 5.54 -2.56 -1.84
CA ILE A 77 5.73 -2.54 -0.39
C ILE A 77 7.00 -3.28 0.00
N THR A 78 7.25 -4.41 -0.67
CA THR A 78 8.49 -5.14 -0.48
C THR A 78 9.70 -4.30 -0.88
N ALA A 79 9.55 -3.54 -1.96
CA ALA A 79 10.61 -2.64 -2.40
C ALA A 79 10.85 -1.53 -1.39
N ALA A 80 9.80 -1.16 -0.66
CA ALA A 80 9.93 -0.21 0.44
C ALA A 80 10.59 -0.86 1.65
N GLY A 81 10.77 -2.17 1.59
CA GLY A 81 11.59 -2.85 2.57
C GLY A 81 10.76 -3.43 3.71
N TYR A 82 9.45 -3.40 3.55
CA TYR A 82 8.54 -3.92 4.57
C TYR A 82 7.60 -4.97 4.00
N THR A 83 8.16 -6.14 3.69
CA THR A 83 7.39 -7.22 3.10
C THR A 83 6.02 -7.35 3.77
N PRO A 84 4.95 -7.27 2.96
CA PRO A 84 3.57 -7.30 3.46
C PRO A 84 3.09 -8.71 3.77
N GLU A 85 2.11 -8.82 4.65
CA GLU A 85 1.49 -10.10 4.95
C GLU A 85 0.91 -10.73 3.68
N ALA A 22 -13.60 -2.96 -0.51
CA ALA A 22 -13.90 -2.52 -1.87
C ALA A 22 -12.95 -3.18 -2.87
N GLY A 23 -11.66 -3.14 -2.57
CA GLY A 23 -10.68 -3.70 -3.47
C GLY A 23 -9.75 -4.69 -2.77
N LEU A 24 -8.50 -4.30 -2.57
CA LEU A 24 -7.53 -5.16 -1.92
C LEU A 24 -7.11 -4.59 -0.57
N SER A 25 -6.76 -5.47 0.36
CA SER A 25 -6.27 -5.05 1.67
C SER A 25 -4.96 -5.75 2.00
N PHE A 26 -3.98 -4.96 2.43
CA PHE A 26 -2.68 -5.50 2.83
C PHE A 26 -2.28 -4.97 4.21
N HIS A 27 -1.68 -5.84 5.02
CA HIS A 27 -1.28 -5.48 6.37
C HIS A 27 0.24 -5.57 6.54
N VAL A 28 0.86 -4.46 6.93
CA VAL A 28 2.30 -4.42 7.10
C VAL A 28 2.68 -4.13 8.55
N GLU A 29 3.16 -5.15 9.24
CA GLU A 29 3.39 -5.07 10.68
C GLU A 29 4.48 -4.04 10.98
N ASP A 30 5.42 -3.87 10.06
CA ASP A 30 6.53 -2.96 10.25
C ASP A 30 6.28 -1.64 9.53
N MET A 31 5.00 -1.31 9.35
CA MET A 31 4.63 -0.10 8.62
C MET A 31 4.96 1.15 9.43
N THR A 32 5.92 1.93 8.93
CA THR A 32 6.25 3.21 9.53
C THR A 32 5.14 4.23 9.28
N CYS A 33 5.24 5.39 9.93
CA CYS A 33 4.30 6.49 9.70
C CYS A 33 5.04 7.72 9.18
N GLY A 34 4.42 8.40 8.22
CA GLY A 34 4.97 9.66 7.73
C GLY A 34 5.64 9.52 6.38
N HIS A 35 6.73 10.23 6.19
CA HIS A 35 7.45 10.22 4.91
C HIS A 35 8.34 8.99 4.80
N CYS A 36 7.72 7.81 4.77
CA CYS A 36 8.47 6.56 4.58
C CYS A 36 7.56 5.49 3.98
N ALA A 37 6.68 4.93 4.80
CA ALA A 37 5.58 4.11 4.31
C ALA A 37 4.70 4.91 3.34
N GLY A 38 4.68 6.22 3.51
CA GLY A 38 3.98 7.08 2.57
C GLY A 38 4.45 6.87 1.15
N VAL A 39 5.70 6.46 0.99
CA VAL A 39 6.24 6.13 -0.32
C VAL A 39 5.42 5.04 -1.00
N ILE A 40 4.97 4.07 -0.20
CA ILE A 40 4.15 2.99 -0.70
C ILE A 40 2.81 3.51 -1.22
N LYS A 41 2.19 4.41 -0.45
CA LYS A 41 0.90 4.97 -0.82
C LYS A 41 0.98 5.67 -2.18
N GLY A 42 1.96 6.57 -2.31
CA GLY A 42 2.13 7.29 -3.56
C GLY A 42 2.52 6.37 -4.71
N ALA A 43 3.38 5.40 -4.43
CA ALA A 43 3.82 4.46 -5.45
C ALA A 43 2.65 3.67 -6.01
N ILE A 44 1.71 3.32 -5.15
CA ILE A 44 0.51 2.61 -5.57
C ILE A 44 -0.39 3.52 -6.40
N GLU A 45 -0.58 4.75 -5.93
CA GLU A 45 -1.45 5.70 -6.60
C GLU A 45 -1.02 5.93 -8.04
N LYS A 46 0.30 5.96 -8.26
CA LYS A 46 0.85 6.24 -9.58
C LYS A 46 0.57 5.08 -10.53
N THR A 47 0.66 3.86 -10.02
CA THR A 47 0.67 2.67 -10.87
C THR A 47 -0.74 2.12 -11.06
N VAL A 48 -1.64 2.47 -10.14
CA VAL A 48 -3.02 2.00 -10.20
C VAL A 48 -3.95 3.11 -10.70
N PRO A 49 -4.53 2.91 -11.89
CA PRO A 49 -5.34 3.94 -12.56
C PRO A 49 -6.72 4.06 -11.95
N GLY A 50 -7.16 5.30 -11.74
CA GLY A 50 -8.55 5.57 -11.41
C GLY A 50 -9.03 4.72 -10.24
N ALA A 51 -8.29 4.75 -9.15
CA ALA A 51 -8.68 4.05 -7.93
C ALA A 51 -8.30 4.83 -6.69
N ALA A 52 -9.07 4.65 -5.63
CA ALA A 52 -8.83 5.37 -4.37
C ALA A 52 -7.91 4.56 -3.45
N VAL A 53 -6.75 5.12 -3.15
CA VAL A 53 -5.76 4.44 -2.32
C VAL A 53 -5.70 5.06 -0.93
N HIS A 54 -5.99 4.25 0.09
CA HIS A 54 -5.99 4.71 1.47
C HIS A 54 -5.02 3.88 2.32
N ALA A 55 -3.89 4.49 2.68
CA ALA A 55 -2.93 3.86 3.57
C ALA A 55 -3.04 4.44 4.98
N ASP A 56 -3.18 3.54 5.96
CA ASP A 56 -3.21 3.96 7.37
C ASP A 56 -2.07 3.30 8.14
N PRO A 57 -0.99 4.06 8.37
CA PRO A 57 0.21 3.55 9.04
C PRO A 57 0.00 3.39 10.54
N ALA A 58 -0.98 4.10 11.08
CA ALA A 58 -1.40 3.92 12.47
C ALA A 58 -2.07 2.56 12.66
N SER A 59 -2.85 2.14 11.67
CA SER A 59 -3.45 0.81 11.68
C SER A 59 -2.56 -0.18 10.94
N ARG A 60 -1.48 0.32 10.35
CA ARG A 60 -0.48 -0.54 9.73
C ARG A 60 -1.06 -1.28 8.53
N THR A 61 -2.07 -0.69 7.91
CA THR A 61 -2.85 -1.38 6.89
C THR A 61 -3.07 -0.49 5.67
N VAL A 62 -2.85 -1.06 4.48
CA VAL A 62 -3.06 -0.33 3.23
C VAL A 62 -4.22 -0.93 2.44
N VAL A 63 -5.20 -0.11 2.11
CA VAL A 63 -6.35 -0.55 1.34
C VAL A 63 -6.45 0.16 0.01
N VAL A 64 -6.61 -0.60 -1.07
CA VAL A 64 -6.82 -0.03 -2.40
C VAL A 64 -8.20 -0.37 -2.93
N GLY A 65 -9.03 0.65 -3.13
CA GLY A 65 -10.40 0.44 -3.53
C GLY A 65 -10.53 0.17 -5.03
N GLY A 66 -11.63 -0.48 -5.41
CA GLY A 66 -11.88 -0.74 -6.82
C GLY A 66 -11.18 -1.99 -7.30
N VAL A 67 -10.26 -1.82 -8.25
CA VAL A 67 -9.50 -2.94 -8.78
C VAL A 67 -8.00 -2.62 -8.84
N SER A 68 -7.18 -3.58 -8.46
CA SER A 68 -5.74 -3.41 -8.50
C SER A 68 -5.03 -4.76 -8.65
N ASP A 69 -3.94 -4.77 -9.41
CA ASP A 69 -3.08 -5.95 -9.50
C ASP A 69 -2.38 -6.21 -8.17
N ALA A 70 -2.81 -7.27 -7.48
CA ALA A 70 -2.28 -7.58 -6.16
C ALA A 70 -0.78 -7.82 -6.21
N ALA A 71 -0.31 -8.40 -7.30
CA ALA A 71 1.11 -8.68 -7.46
C ALA A 71 1.94 -7.40 -7.42
N HIS A 72 1.43 -6.36 -8.08
CA HIS A 72 2.15 -5.09 -8.15
C HIS A 72 2.16 -4.39 -6.79
N ILE A 73 1.05 -4.47 -6.08
CA ILE A 73 0.93 -3.84 -4.76
C ILE A 73 1.92 -4.46 -3.78
N ALA A 74 2.01 -5.79 -3.80
CA ALA A 74 2.93 -6.50 -2.92
C ALA A 74 4.38 -6.17 -3.25
N GLU A 75 4.67 -6.04 -4.55
CA GLU A 75 6.01 -5.68 -5.00
C GLU A 75 6.38 -4.27 -4.53
N ILE A 76 5.41 -3.37 -4.56
CA ILE A 76 5.62 -2.00 -4.10
C ILE A 76 5.94 -1.96 -2.61
N ILE A 77 5.17 -2.71 -1.83
CA ILE A 77 5.33 -2.73 -0.39
C ILE A 77 6.69 -3.31 0.00
N THR A 78 7.06 -4.42 -0.64
CA THR A 78 8.34 -5.06 -0.38
C THR A 78 9.50 -4.22 -0.88
N ALA A 79 9.25 -3.46 -1.95
CA ALA A 79 10.26 -2.55 -2.48
C ALA A 79 10.59 -1.45 -1.47
N ALA A 80 9.63 -1.11 -0.62
CA ALA A 80 9.86 -0.15 0.44
C ALA A 80 10.59 -0.79 1.62
N GLY A 81 10.76 -2.11 1.55
CA GLY A 81 11.58 -2.79 2.52
C GLY A 81 10.79 -3.29 3.72
N TYR A 82 9.47 -3.21 3.60
CA TYR A 82 8.59 -3.67 4.67
C TYR A 82 7.67 -4.78 4.19
N THR A 83 8.20 -6.00 4.13
CA THR A 83 7.42 -7.16 3.73
C THR A 83 6.11 -7.24 4.52
N PRO A 84 4.99 -7.34 3.80
CA PRO A 84 3.66 -7.38 4.42
C PRO A 84 3.38 -8.71 5.10
N GLU A 85 2.64 -8.66 6.21
CA GLU A 85 2.28 -9.85 6.96
C GLU A 85 1.17 -10.62 6.26
N ALA A 22 -13.90 -6.45 -4.13
CA ALA A 22 -14.06 -5.25 -3.30
C ALA A 22 -12.75 -4.45 -3.26
N GLY A 23 -11.70 -5.07 -2.75
CA GLY A 23 -10.41 -4.39 -2.65
C GLY A 23 -9.39 -5.21 -1.90
N LEU A 24 -8.15 -4.74 -1.90
CA LEU A 24 -7.05 -5.49 -1.29
C LEU A 24 -6.59 -4.84 0.01
N SER A 25 -6.14 -5.66 0.95
CA SER A 25 -5.66 -5.17 2.24
C SER A 25 -4.28 -5.72 2.54
N PHE A 26 -3.37 -4.83 2.93
CA PHE A 26 -2.01 -5.23 3.29
C PHE A 26 -1.63 -4.70 4.67
N HIS A 27 -0.92 -5.51 5.44
CA HIS A 27 -0.63 -5.20 6.82
C HIS A 27 0.88 -5.24 7.10
N VAL A 28 1.41 -4.14 7.61
CA VAL A 28 2.84 -4.06 7.90
C VAL A 28 3.09 -3.61 9.34
N GLU A 29 3.65 -4.50 10.14
CA GLU A 29 3.82 -4.24 11.57
C GLU A 29 4.79 -3.08 11.79
N ASP A 30 5.68 -2.87 10.82
CA ASP A 30 6.69 -1.82 10.93
C ASP A 30 6.27 -0.57 10.16
N MET A 31 4.97 -0.44 9.92
CA MET A 31 4.44 0.68 9.13
C MET A 31 4.45 1.96 9.94
N THR A 32 5.27 2.92 9.53
CA THR A 32 5.25 4.26 10.09
C THR A 32 4.55 5.24 9.15
N CYS A 33 4.41 6.47 9.61
CA CYS A 33 3.75 7.51 8.82
C CYS A 33 4.78 8.42 8.15
N GLY A 34 4.71 8.51 6.82
CA GLY A 34 5.62 9.37 6.08
C GLY A 34 6.83 8.62 5.58
N HIS A 35 7.34 7.70 6.40
CA HIS A 35 8.52 6.92 6.02
C HIS A 35 8.10 5.60 5.36
N CYS A 36 6.82 5.25 5.52
CA CYS A 36 6.31 4.00 4.95
C CYS A 36 4.95 4.22 4.30
N ALA A 37 4.00 4.71 5.08
CA ALA A 37 2.67 5.01 4.55
C ALA A 37 2.74 5.98 3.37
N GLY A 38 3.53 7.04 3.52
CA GLY A 38 3.73 7.98 2.44
C GLY A 38 4.39 7.36 1.24
N VAL A 39 5.37 6.48 1.49
CA VAL A 39 6.12 5.85 0.42
C VAL A 39 5.24 4.86 -0.35
N ILE A 40 4.52 4.01 0.39
CA ILE A 40 3.68 2.99 -0.23
C ILE A 40 2.52 3.62 -0.98
N LYS A 41 1.89 4.61 -0.37
CA LYS A 41 0.71 5.24 -0.96
C LYS A 41 1.05 5.87 -2.31
N GLY A 42 2.10 6.68 -2.33
CA GLY A 42 2.55 7.29 -3.57
C GLY A 42 3.03 6.26 -4.58
N ALA A 43 3.71 5.23 -4.09
CA ALA A 43 4.29 4.21 -4.97
C ALA A 43 3.21 3.47 -5.73
N ILE A 44 2.14 3.09 -5.05
CA ILE A 44 1.03 2.40 -5.67
C ILE A 44 0.22 3.35 -6.55
N GLU A 45 -0.07 4.54 -6.02
CA GLU A 45 -0.90 5.50 -6.72
C GLU A 45 -0.28 5.91 -8.05
N LYS A 46 1.05 6.06 -8.05
CA LYS A 46 1.77 6.50 -9.25
C LYS A 46 1.65 5.47 -10.36
N THR A 47 1.67 4.19 -9.99
CA THR A 47 1.67 3.10 -10.96
C THR A 47 0.25 2.62 -11.24
N VAL A 48 -0.66 2.93 -10.33
CA VAL A 48 -2.07 2.58 -10.50
C VAL A 48 -2.96 3.80 -10.39
N PRO A 49 -3.37 4.35 -11.55
CA PRO A 49 -4.16 5.58 -11.61
C PRO A 49 -5.63 5.34 -11.30
N GLY A 50 -6.25 6.30 -10.62
CA GLY A 50 -7.68 6.21 -10.34
C GLY A 50 -7.97 5.39 -9.09
N ALA A 51 -7.65 4.10 -9.14
CA ALA A 51 -7.79 3.24 -7.98
C ALA A 51 -7.32 3.95 -6.71
N ALA A 52 -8.10 3.83 -5.65
CA ALA A 52 -7.92 4.65 -4.46
C ALA A 52 -7.06 3.92 -3.42
N VAL A 53 -5.91 4.51 -3.10
CA VAL A 53 -5.02 3.92 -2.11
C VAL A 53 -5.14 4.64 -0.77
N HIS A 54 -5.46 3.88 0.27
CA HIS A 54 -5.62 4.44 1.61
C HIS A 54 -4.64 3.79 2.59
N ALA A 55 -3.56 4.49 2.90
CA ALA A 55 -2.59 4.00 3.88
C ALA A 55 -2.87 4.58 5.26
N ASP A 56 -3.08 3.70 6.23
CA ASP A 56 -3.25 4.12 7.61
C ASP A 56 -2.14 3.54 8.50
N PRO A 57 -1.14 4.37 8.80
CA PRO A 57 0.03 3.95 9.59
C PRO A 57 -0.31 3.76 11.05
N ALA A 58 -1.36 4.43 11.52
CA ALA A 58 -1.85 4.24 12.87
C ALA A 58 -2.42 2.84 13.06
N SER A 59 -3.10 2.35 12.03
CA SER A 59 -3.60 0.97 12.03
C SER A 59 -2.62 0.05 11.32
N ARG A 60 -1.59 0.63 10.74
CA ARG A 60 -0.50 -0.15 10.15
C ARG A 60 -1.00 -0.96 8.96
N THR A 61 -2.01 -0.44 8.28
CA THR A 61 -2.70 -1.19 7.23
C THR A 61 -2.91 -0.33 5.99
N VAL A 62 -2.65 -0.90 4.82
CA VAL A 62 -2.93 -0.23 3.55
C VAL A 62 -4.06 -0.92 2.80
N VAL A 63 -5.11 -0.16 2.49
CA VAL A 63 -6.24 -0.70 1.75
C VAL A 63 -6.38 -0.01 0.39
N VAL A 64 -6.47 -0.81 -0.66
CA VAL A 64 -6.62 -0.28 -2.01
C VAL A 64 -7.97 -0.67 -2.61
N GLY A 65 -8.80 0.33 -2.89
CA GLY A 65 -10.13 0.07 -3.41
C GLY A 65 -10.28 0.52 -4.86
N GLY A 66 -11.33 0.05 -5.51
CA GLY A 66 -11.50 0.31 -6.93
C GLY A 66 -10.86 -0.76 -7.78
N VAL A 67 -9.86 -0.37 -8.57
CA VAL A 67 -9.02 -1.33 -9.27
C VAL A 67 -7.95 -1.91 -8.34
N SER A 68 -7.70 -3.21 -8.47
CA SER A 68 -6.81 -3.91 -7.57
C SER A 68 -5.99 -4.96 -8.32
N ASP A 69 -4.84 -5.33 -7.77
CA ASP A 69 -3.97 -6.32 -8.38
C ASP A 69 -2.89 -6.79 -7.41
N ALA A 70 -3.08 -7.98 -6.85
CA ALA A 70 -2.25 -8.43 -5.74
C ALA A 70 -0.78 -8.55 -6.15
N ALA A 71 -0.55 -9.08 -7.34
CA ALA A 71 0.80 -9.30 -7.84
C ALA A 71 1.55 -7.98 -7.96
N HIS A 72 0.92 -7.00 -8.60
CA HIS A 72 1.54 -5.70 -8.83
C HIS A 72 1.77 -4.97 -7.51
N ILE A 73 0.69 -4.81 -6.73
CA ILE A 73 0.73 -3.99 -5.53
C ILE A 73 1.68 -4.57 -4.50
N ALA A 74 1.70 -5.90 -4.40
CA ALA A 74 2.61 -6.58 -3.49
C ALA A 74 4.05 -6.33 -3.87
N GLU A 75 4.33 -6.33 -5.17
CA GLU A 75 5.66 -6.00 -5.67
C GLU A 75 6.02 -4.54 -5.35
N ILE A 76 5.03 -3.66 -5.46
CA ILE A 76 5.23 -2.25 -5.16
C ILE A 76 5.55 -2.04 -3.69
N ILE A 77 4.77 -2.66 -2.82
CA ILE A 77 4.98 -2.54 -1.38
C ILE A 77 6.30 -3.17 -0.95
N THR A 78 6.61 -4.33 -1.53
CA THR A 78 7.89 -4.97 -1.31
C THR A 78 9.03 -4.11 -1.84
N ALA A 79 8.80 -3.46 -2.97
CA ALA A 79 9.79 -2.54 -3.55
C ALA A 79 10.01 -1.35 -2.63
N ALA A 80 8.98 -0.97 -1.89
CA ALA A 80 9.11 0.06 -0.87
C ALA A 80 9.86 -0.46 0.35
N GLY A 81 10.08 -1.77 0.39
CA GLY A 81 10.92 -2.35 1.42
C GLY A 81 10.14 -2.75 2.65
N TYR A 82 8.81 -2.81 2.51
CA TYR A 82 7.95 -3.17 3.62
C TYR A 82 7.05 -4.36 3.26
N THR A 83 7.66 -5.53 3.14
CA THR A 83 6.92 -6.75 2.83
C THR A 83 5.76 -6.94 3.80
N PRO A 84 4.54 -7.03 3.25
CA PRO A 84 3.32 -7.19 4.05
C PRO A 84 3.14 -8.61 4.56
N GLU A 85 2.42 -8.75 5.68
CA GLU A 85 2.16 -10.05 6.26
C GLU A 85 0.67 -10.33 6.36
N ALA A 22 -13.33 -5.77 -4.66
CA ALA A 22 -13.75 -4.61 -3.90
C ALA A 22 -12.57 -3.74 -3.51
N GLY A 23 -11.60 -4.33 -2.82
CA GLY A 23 -10.43 -3.58 -2.39
C GLY A 23 -9.51 -4.40 -1.52
N LEU A 24 -8.25 -4.55 -1.95
CA LEU A 24 -7.32 -5.46 -1.29
C LEU A 24 -6.72 -4.82 -0.05
N SER A 25 -6.28 -5.65 0.88
CA SER A 25 -5.79 -5.17 2.17
C SER A 25 -4.39 -5.72 2.47
N PHE A 26 -3.49 -4.83 2.86
CA PHE A 26 -2.12 -5.24 3.17
C PHE A 26 -1.72 -4.76 4.56
N HIS A 27 -1.00 -5.61 5.30
CA HIS A 27 -0.74 -5.37 6.71
C HIS A 27 0.76 -5.42 6.99
N VAL A 28 1.30 -4.31 7.49
CA VAL A 28 2.74 -4.19 7.71
C VAL A 28 3.05 -3.94 9.18
N GLU A 29 3.77 -4.87 9.80
CA GLU A 29 4.02 -4.81 11.24
C GLU A 29 4.77 -3.53 11.60
N ASP A 30 5.65 -3.09 10.71
CA ASP A 30 6.52 -1.96 11.01
C ASP A 30 6.13 -0.74 10.17
N MET A 31 4.83 -0.54 10.00
CA MET A 31 4.32 0.56 9.20
C MET A 31 4.38 1.87 9.97
N THR A 32 5.17 2.82 9.48
CA THR A 32 5.17 4.17 10.01
C THR A 32 4.47 5.14 9.05
N CYS A 33 4.33 6.39 9.47
CA CYS A 33 3.64 7.40 8.67
C CYS A 33 4.66 8.20 7.84
N GLY A 34 4.42 8.25 6.54
CA GLY A 34 5.26 9.06 5.67
C GLY A 34 6.37 8.26 5.01
N HIS A 35 7.43 7.99 5.77
CA HIS A 35 8.57 7.26 5.26
C HIS A 35 8.26 5.78 5.11
N CYS A 36 7.00 5.42 5.34
CA CYS A 36 6.48 4.13 4.91
C CYS A 36 5.12 4.28 4.25
N ALA A 37 4.13 4.71 5.03
CA ALA A 37 2.77 4.90 4.53
C ALA A 37 2.76 5.84 3.33
N GLY A 38 3.44 6.97 3.46
CA GLY A 38 3.50 7.93 2.38
C GLY A 38 4.24 7.40 1.17
N VAL A 39 5.33 6.69 1.41
CA VAL A 39 6.10 6.08 0.34
C VAL A 39 5.28 5.01 -0.39
N ILE A 40 4.60 4.17 0.37
CA ILE A 40 3.78 3.12 -0.21
C ILE A 40 2.61 3.70 -0.99
N LYS A 41 1.94 4.68 -0.41
CA LYS A 41 0.77 5.30 -1.04
C LYS A 41 1.14 5.90 -2.39
N GLY A 42 2.21 6.69 -2.42
CA GLY A 42 2.67 7.28 -3.66
C GLY A 42 3.14 6.23 -4.65
N ALA A 43 3.79 5.20 -4.15
CA ALA A 43 4.35 4.15 -5.01
C ALA A 43 3.24 3.40 -5.75
N ILE A 44 2.19 3.05 -5.02
CA ILE A 44 1.05 2.36 -5.62
C ILE A 44 0.23 3.30 -6.50
N GLU A 45 -0.04 4.50 -5.97
CA GLU A 45 -0.88 5.46 -6.67
C GLU A 45 -0.26 5.83 -8.02
N LYS A 46 1.06 5.96 -8.05
CA LYS A 46 1.76 6.36 -9.26
C LYS A 46 1.56 5.32 -10.37
N THR A 47 1.58 4.05 -10.00
CA THR A 47 1.53 2.97 -10.97
C THR A 47 0.10 2.52 -11.22
N VAL A 48 -0.80 2.85 -10.29
CA VAL A 48 -2.21 2.50 -10.41
C VAL A 48 -3.09 3.73 -10.34
N PRO A 49 -3.48 4.25 -11.52
CA PRO A 49 -4.27 5.48 -11.62
C PRO A 49 -5.74 5.24 -11.28
N GLY A 50 -6.35 6.23 -10.62
CA GLY A 50 -7.77 6.15 -10.32
C GLY A 50 -8.05 5.37 -9.06
N ALA A 51 -7.75 4.08 -9.07
CA ALA A 51 -7.86 3.24 -7.88
C ALA A 51 -7.37 4.00 -6.64
N ALA A 52 -8.13 3.88 -5.55
CA ALA A 52 -7.90 4.71 -4.37
C ALA A 52 -7.03 3.98 -3.35
N VAL A 53 -5.87 4.54 -3.04
CA VAL A 53 -4.96 3.96 -2.08
C VAL A 53 -5.07 4.65 -0.73
N HIS A 54 -5.38 3.88 0.31
CA HIS A 54 -5.53 4.43 1.65
C HIS A 54 -4.56 3.77 2.63
N ALA A 55 -3.49 4.48 2.96
CA ALA A 55 -2.52 4.00 3.94
C ALA A 55 -2.82 4.53 5.33
N ASP A 56 -3.06 3.62 6.27
CA ASP A 56 -3.26 4.01 7.66
C ASP A 56 -2.18 3.41 8.55
N PRO A 57 -1.19 4.23 8.92
CA PRO A 57 -0.03 3.79 9.70
C PRO A 57 -0.38 3.58 11.17
N ALA A 58 -1.45 4.22 11.62
CA ALA A 58 -1.97 4.00 12.96
C ALA A 58 -2.55 2.59 13.10
N SER A 59 -3.20 2.12 12.05
CA SER A 59 -3.68 0.74 12.00
C SER A 59 -2.66 -0.14 11.27
N ARG A 60 -1.61 0.47 10.74
CA ARG A 60 -0.54 -0.27 10.09
C ARG A 60 -1.06 -1.09 8.93
N THR A 61 -2.07 -0.55 8.23
CA THR A 61 -2.73 -1.28 7.16
C THR A 61 -2.92 -0.39 5.94
N VAL A 62 -2.63 -0.94 4.75
CA VAL A 62 -2.89 -0.25 3.50
C VAL A 62 -4.01 -0.93 2.73
N VAL A 63 -5.06 -0.17 2.42
CA VAL A 63 -6.18 -0.70 1.64
C VAL A 63 -6.26 0.00 0.29
N VAL A 64 -6.34 -0.79 -0.78
CA VAL A 64 -6.48 -0.26 -2.13
C VAL A 64 -7.83 -0.64 -2.74
N GLY A 65 -8.70 0.34 -2.93
CA GLY A 65 -10.05 0.07 -3.38
C GLY A 65 -10.27 0.47 -4.82
N GLY A 66 -11.33 -0.07 -5.42
CA GLY A 66 -11.57 0.17 -6.84
C GLY A 66 -10.89 -0.87 -7.71
N VAL A 67 -9.84 -0.44 -8.41
CA VAL A 67 -8.96 -1.38 -9.10
C VAL A 67 -7.88 -1.91 -8.16
N SER A 68 -7.62 -3.21 -8.25
CA SER A 68 -6.70 -3.86 -7.33
C SER A 68 -5.95 -4.99 -8.02
N ASP A 69 -4.79 -5.34 -7.48
CA ASP A 69 -3.95 -6.38 -8.05
C ASP A 69 -2.86 -6.82 -7.09
N ALA A 70 -3.05 -7.98 -6.47
CA ALA A 70 -2.22 -8.41 -5.35
C ALA A 70 -0.77 -8.57 -5.78
N ALA A 71 -0.56 -9.17 -6.95
CA ALA A 71 0.79 -9.42 -7.45
C ALA A 71 1.55 -8.11 -7.65
N HIS A 72 0.91 -7.16 -8.33
CA HIS A 72 1.54 -5.88 -8.62
C HIS A 72 1.80 -5.09 -7.34
N ILE A 73 0.73 -4.89 -6.57
CA ILE A 73 0.80 -4.02 -5.39
C ILE A 73 1.77 -4.56 -4.35
N ALA A 74 1.79 -5.88 -4.20
CA ALA A 74 2.69 -6.53 -3.25
C ALA A 74 4.15 -6.28 -3.63
N GLU A 75 4.43 -6.31 -4.93
CA GLU A 75 5.77 -6.01 -5.42
C GLU A 75 6.11 -4.55 -5.20
N ILE A 76 5.11 -3.68 -5.35
CA ILE A 76 5.28 -2.25 -5.12
C ILE A 76 5.60 -1.96 -3.66
N ILE A 77 4.83 -2.57 -2.76
CA ILE A 77 5.04 -2.39 -1.32
C ILE A 77 6.38 -2.98 -0.88
N THR A 78 6.70 -4.15 -1.42
CA THR A 78 8.01 -4.75 -1.20
C THR A 78 9.13 -3.89 -1.75
N ALA A 79 8.87 -3.27 -2.90
CA ALA A 79 9.83 -2.33 -3.49
C ALA A 79 10.04 -1.12 -2.59
N ALA A 80 9.00 -0.76 -1.85
CA ALA A 80 9.12 0.28 -0.83
C ALA A 80 9.85 -0.24 0.40
N GLY A 81 10.06 -1.56 0.46
CA GLY A 81 10.90 -2.13 1.48
C GLY A 81 10.11 -2.57 2.70
N TYR A 82 8.79 -2.61 2.56
CA TYR A 82 7.91 -3.00 3.68
C TYR A 82 7.01 -4.15 3.27
N THR A 83 7.60 -5.31 3.00
CA THR A 83 6.84 -6.48 2.59
C THR A 83 5.74 -6.79 3.60
N PRO A 84 4.49 -6.89 3.10
CA PRO A 84 3.32 -7.11 3.96
C PRO A 84 3.21 -8.57 4.41
N GLU A 85 2.52 -8.78 5.53
CA GLU A 85 2.35 -10.12 6.08
C GLU A 85 0.88 -10.44 6.29
N ALA A 22 -13.39 -5.62 -4.86
CA ALA A 22 -13.78 -4.57 -3.94
C ALA A 22 -12.59 -3.70 -3.56
N GLY A 23 -11.63 -4.30 -2.86
CA GLY A 23 -10.45 -3.56 -2.44
C GLY A 23 -9.53 -4.39 -1.56
N LEU A 24 -8.32 -4.64 -2.04
CA LEU A 24 -7.42 -5.57 -1.39
C LEU A 24 -6.74 -4.93 -0.19
N SER A 25 -6.31 -5.76 0.76
CA SER A 25 -5.80 -5.27 2.04
C SER A 25 -4.43 -5.87 2.34
N PHE A 26 -3.50 -5.01 2.77
CA PHE A 26 -2.18 -5.47 3.16
C PHE A 26 -1.79 -4.92 4.53
N HIS A 27 -1.08 -5.73 5.31
CA HIS A 27 -0.73 -5.37 6.67
C HIS A 27 0.78 -5.34 6.86
N VAL A 28 1.29 -4.22 7.38
CA VAL A 28 2.72 -4.07 7.59
C VAL A 28 3.02 -3.70 9.05
N GLU A 29 3.61 -4.63 9.78
CA GLU A 29 3.80 -4.47 11.21
C GLU A 29 4.73 -3.30 11.51
N ASP A 30 5.63 -3.01 10.57
CA ASP A 30 6.63 -1.97 10.76
C ASP A 30 6.21 -0.68 10.05
N MET A 31 4.91 -0.53 9.81
CA MET A 31 4.39 0.59 9.06
C MET A 31 4.42 1.87 9.88
N THR A 32 5.25 2.82 9.48
CA THR A 32 5.23 4.16 10.06
C THR A 32 4.56 5.16 9.13
N CYS A 33 4.39 6.39 9.60
CA CYS A 33 3.75 7.43 8.83
C CYS A 33 4.78 8.36 8.19
N GLY A 34 4.72 8.48 6.86
CA GLY A 34 5.62 9.36 6.16
C GLY A 34 6.85 8.65 5.63
N HIS A 35 7.41 7.76 6.44
CA HIS A 35 8.59 7.00 6.06
C HIS A 35 8.20 5.69 5.39
N CYS A 36 6.93 5.32 5.53
CA CYS A 36 6.43 4.08 4.96
C CYS A 36 5.08 4.29 4.28
N ALA A 37 4.10 4.73 5.06
CA ALA A 37 2.77 5.00 4.53
C ALA A 37 2.84 6.00 3.37
N GLY A 38 3.60 7.06 3.56
CA GLY A 38 3.78 8.05 2.50
C GLY A 38 4.44 7.46 1.27
N VAL A 39 5.41 6.59 1.49
CA VAL A 39 6.14 5.97 0.38
C VAL A 39 5.26 4.98 -0.36
N ILE A 40 4.57 4.13 0.38
CA ILE A 40 3.73 3.09 -0.21
C ILE A 40 2.56 3.70 -0.98
N LYS A 41 1.91 4.69 -0.37
CA LYS A 41 0.72 5.30 -0.95
C LYS A 41 1.04 5.92 -2.32
N GLY A 42 2.11 6.72 -2.37
CA GLY A 42 2.54 7.30 -3.62
C GLY A 42 3.02 6.26 -4.61
N ALA A 43 3.69 5.23 -4.11
CA ALA A 43 4.28 4.20 -4.96
C ALA A 43 3.18 3.45 -5.72
N ILE A 44 2.13 3.07 -5.00
CA ILE A 44 1.00 2.37 -5.62
C ILE A 44 0.18 3.31 -6.49
N GLU A 45 -0.10 4.50 -5.96
CA GLU A 45 -0.95 5.47 -6.66
C GLU A 45 -0.34 5.83 -8.02
N LYS A 46 0.99 5.98 -8.05
CA LYS A 46 1.68 6.40 -9.26
C LYS A 46 1.52 5.37 -10.36
N THR A 47 1.53 4.10 -9.99
CA THR A 47 1.49 3.01 -10.96
C THR A 47 0.05 2.55 -11.21
N VAL A 48 -0.84 2.87 -10.27
CA VAL A 48 -2.23 2.49 -10.40
C VAL A 48 -3.15 3.72 -10.33
N PRO A 49 -3.47 4.27 -11.51
CA PRO A 49 -4.28 5.49 -11.60
C PRO A 49 -5.75 5.24 -11.30
N GLY A 50 -6.39 6.21 -10.65
CA GLY A 50 -7.82 6.12 -10.38
C GLY A 50 -8.12 5.32 -9.13
N ALA A 51 -7.81 4.03 -9.16
CA ALA A 51 -7.93 3.19 -7.98
C ALA A 51 -7.42 3.92 -6.73
N ALA A 52 -8.19 3.83 -5.65
CA ALA A 52 -7.95 4.66 -4.48
C ALA A 52 -7.08 3.95 -3.45
N VAL A 53 -5.91 4.52 -3.16
CA VAL A 53 -4.98 3.94 -2.21
C VAL A 53 -5.10 4.61 -0.84
N HIS A 54 -5.42 3.83 0.18
CA HIS A 54 -5.58 4.36 1.53
C HIS A 54 -4.60 3.69 2.49
N ALA A 55 -3.52 4.39 2.81
CA ALA A 55 -2.55 3.90 3.79
C ALA A 55 -2.82 4.47 5.18
N ASP A 56 -3.06 3.58 6.14
CA ASP A 56 -3.24 3.99 7.52
C ASP A 56 -2.14 3.43 8.41
N PRO A 57 -1.15 4.26 8.73
CA PRO A 57 0.03 3.85 9.51
C PRO A 57 -0.30 3.65 10.98
N ALA A 58 -1.38 4.29 11.44
CA ALA A 58 -1.87 4.09 12.79
C ALA A 58 -2.44 2.68 12.96
N SER A 59 -3.14 2.20 11.92
CA SER A 59 -3.63 0.83 11.90
C SER A 59 -2.65 -0.09 11.19
N ARG A 60 -1.60 0.50 10.62
CA ARG A 60 -0.52 -0.28 10.03
C ARG A 60 -1.01 -1.09 8.84
N THR A 61 -2.02 -0.56 8.15
CA THR A 61 -2.71 -1.30 7.11
C THR A 61 -2.90 -0.46 5.86
N VAL A 62 -2.62 -1.03 4.70
CA VAL A 62 -2.87 -0.37 3.42
C VAL A 62 -3.98 -1.06 2.64
N VAL A 63 -5.03 -0.29 2.33
CA VAL A 63 -6.13 -0.82 1.54
C VAL A 63 -6.25 -0.08 0.21
N VAL A 64 -6.36 -0.83 -0.88
CA VAL A 64 -6.52 -0.25 -2.20
C VAL A 64 -7.89 -0.62 -2.79
N GLY A 65 -8.76 0.38 -2.92
CA GLY A 65 -10.12 0.12 -3.35
C GLY A 65 -10.35 0.48 -4.80
N GLY A 66 -11.41 -0.08 -5.38
CA GLY A 66 -11.65 0.10 -6.80
C GLY A 66 -10.98 -0.96 -7.65
N VAL A 67 -9.96 -0.56 -8.41
CA VAL A 67 -9.09 -1.51 -9.09
C VAL A 67 -7.99 -2.02 -8.16
N SER A 68 -7.72 -3.31 -8.21
CA SER A 68 -6.79 -3.94 -7.28
C SER A 68 -6.02 -5.06 -7.96
N ASP A 69 -4.87 -5.41 -7.39
CA ASP A 69 -4.03 -6.46 -7.96
C ASP A 69 -2.95 -6.89 -6.96
N ALA A 70 -3.14 -8.06 -6.36
CA ALA A 70 -2.32 -8.48 -5.23
C ALA A 70 -0.86 -8.63 -5.64
N ALA A 71 -0.63 -9.19 -6.82
CA ALA A 71 0.72 -9.41 -7.31
C ALA A 71 1.47 -8.08 -7.46
N HIS A 72 0.83 -7.12 -8.10
CA HIS A 72 1.45 -5.82 -8.35
C HIS A 72 1.68 -5.07 -7.04
N ILE A 73 0.62 -4.92 -6.25
CA ILE A 73 0.66 -4.12 -5.04
C ILE A 73 1.68 -4.67 -4.05
N ALA A 74 1.73 -5.99 -3.94
CA ALA A 74 2.67 -6.64 -3.03
C ALA A 74 4.11 -6.36 -3.43
N GLU A 75 4.38 -6.37 -4.73
CA GLU A 75 5.71 -6.06 -5.24
C GLU A 75 6.05 -4.59 -5.00
N ILE A 76 5.06 -3.72 -5.13
CA ILE A 76 5.25 -2.30 -4.91
C ILE A 76 5.60 -2.01 -3.45
N ILE A 77 4.84 -2.59 -2.54
CA ILE A 77 5.08 -2.42 -1.11
C ILE A 77 6.42 -3.03 -0.70
N THR A 78 6.72 -4.20 -1.23
CA THR A 78 8.02 -4.83 -1.03
C THR A 78 9.14 -3.98 -1.60
N ALA A 79 8.89 -3.37 -2.76
CA ALA A 79 9.87 -2.47 -3.38
C ALA A 79 10.12 -1.25 -2.50
N ALA A 80 9.10 -0.84 -1.75
CA ALA A 80 9.26 0.22 -0.77
C ALA A 80 10.05 -0.26 0.45
N GLY A 81 10.33 -1.56 0.49
CA GLY A 81 11.21 -2.09 1.51
C GLY A 81 10.45 -2.55 2.73
N TYR A 82 9.13 -2.64 2.61
CA TYR A 82 8.29 -3.06 3.73
C TYR A 82 7.42 -4.25 3.34
N THR A 83 8.06 -5.40 3.15
CA THR A 83 7.35 -6.60 2.74
C THR A 83 6.05 -6.77 3.50
N PRO A 84 4.92 -6.79 2.77
CA PRO A 84 3.58 -6.82 3.37
C PRO A 84 3.18 -8.22 3.80
N GLU A 85 2.19 -8.31 4.69
CA GLU A 85 1.59 -9.59 5.05
C GLU A 85 0.12 -9.62 4.66
N ALA A 22 -14.74 -4.02 -0.35
CA ALA A 22 -14.92 -3.14 -1.49
C ALA A 22 -13.57 -2.75 -2.11
N GLY A 23 -12.58 -3.61 -1.93
CA GLY A 23 -11.25 -3.32 -2.42
C GLY A 23 -10.21 -4.31 -1.91
N LEU A 24 -8.94 -3.95 -2.04
CA LEU A 24 -7.86 -4.80 -1.56
C LEU A 24 -7.30 -4.29 -0.23
N SER A 25 -6.94 -5.22 0.64
CA SER A 25 -6.38 -4.86 1.94
C SER A 25 -5.01 -5.50 2.14
N PHE A 26 -4.04 -4.68 2.52
CA PHE A 26 -2.69 -5.16 2.81
C PHE A 26 -2.25 -4.74 4.20
N HIS A 27 -1.57 -5.65 4.90
CA HIS A 27 -1.17 -5.40 6.28
C HIS A 27 0.35 -5.49 6.43
N VAL A 28 0.96 -4.40 6.88
CA VAL A 28 2.41 -4.28 6.91
C VAL A 28 2.91 -4.15 8.35
N GLU A 29 3.75 -5.09 8.76
CA GLU A 29 4.19 -5.16 10.14
C GLU A 29 5.09 -3.98 10.50
N ASP A 30 5.98 -3.63 9.58
CA ASP A 30 7.00 -2.62 9.86
C ASP A 30 6.56 -1.25 9.35
N MET A 31 5.26 -1.06 9.23
CA MET A 31 4.71 0.20 8.74
C MET A 31 4.69 1.24 9.87
N THR A 32 5.68 2.12 9.86
CA THR A 32 5.67 3.28 10.74
C THR A 32 4.92 4.44 10.10
N CYS A 33 4.75 5.52 10.86
CA CYS A 33 3.94 6.65 10.41
C CYS A 33 4.82 7.78 9.88
N GLY A 34 4.58 8.19 8.64
CA GLY A 34 5.41 9.19 8.02
C GLY A 34 5.49 9.03 6.51
N HIS A 35 6.66 9.32 5.94
CA HIS A 35 6.95 8.96 4.56
C HIS A 35 7.26 7.47 4.43
N CYS A 36 6.28 6.64 4.76
CA CYS A 36 6.40 5.20 4.55
C CYS A 36 5.12 4.64 3.91
N ALA A 37 4.02 4.70 4.66
CA ALA A 37 2.70 4.55 4.08
C ALA A 37 2.45 5.57 2.98
N GLY A 38 3.02 6.76 3.15
CA GLY A 38 2.97 7.77 2.10
C GLY A 38 3.69 7.33 0.84
N VAL A 39 4.82 6.65 1.02
CA VAL A 39 5.57 6.11 -0.11
C VAL A 39 4.77 5.02 -0.83
N ILE A 40 4.15 4.15 -0.05
CA ILE A 40 3.33 3.07 -0.61
C ILE A 40 2.10 3.63 -1.31
N LYS A 41 1.47 4.61 -0.67
CA LYS A 41 0.27 5.23 -1.23
C LYS A 41 0.56 5.83 -2.60
N GLY A 42 1.62 6.64 -2.68
CA GLY A 42 1.99 7.25 -3.94
C GLY A 42 2.43 6.23 -4.98
N ALA A 43 3.14 5.20 -4.52
CA ALA A 43 3.68 4.18 -5.43
C ALA A 43 2.55 3.41 -6.11
N ILE A 44 1.55 3.03 -5.32
CA ILE A 44 0.41 2.29 -5.85
C ILE A 44 -0.47 3.19 -6.72
N GLU A 45 -0.74 4.39 -6.23
CA GLU A 45 -1.54 5.36 -6.98
C GLU A 45 -0.91 5.63 -8.35
N LYS A 46 0.41 5.67 -8.39
CA LYS A 46 1.13 6.01 -9.61
C LYS A 46 1.06 4.88 -10.62
N THR A 47 1.27 3.66 -10.15
CA THR A 47 1.44 2.50 -11.04
C THR A 47 0.09 1.89 -11.38
N VAL A 48 -0.91 2.15 -10.54
CA VAL A 48 -2.28 1.73 -10.83
C VAL A 48 -3.18 2.93 -11.05
N PRO A 49 -3.42 3.27 -12.33
CA PRO A 49 -4.23 4.42 -12.71
C PRO A 49 -5.66 4.32 -12.20
N GLY A 50 -6.14 5.39 -11.56
CA GLY A 50 -7.53 5.45 -11.15
C GLY A 50 -7.81 4.57 -9.94
N ALA A 51 -6.83 4.44 -9.07
CA ALA A 51 -7.00 3.71 -7.81
C ALA A 51 -7.09 4.66 -6.64
N ALA A 52 -8.08 4.45 -5.77
CA ALA A 52 -8.16 5.16 -4.51
C ALA A 52 -7.39 4.42 -3.42
N VAL A 53 -6.19 4.91 -3.12
CA VAL A 53 -5.30 4.24 -2.17
C VAL A 53 -5.30 4.96 -0.82
N HIS A 54 -5.64 4.23 0.24
CA HIS A 54 -5.70 4.80 1.58
C HIS A 54 -4.76 4.05 2.52
N ALA A 55 -3.60 4.63 2.79
CA ALA A 55 -2.62 4.03 3.68
C ALA A 55 -2.72 4.62 5.08
N ASP A 56 -2.94 3.76 6.07
CA ASP A 56 -3.01 4.19 7.46
C ASP A 56 -1.96 3.46 8.29
N PRO A 57 -0.86 4.17 8.62
CA PRO A 57 0.26 3.60 9.36
C PRO A 57 -0.04 3.48 10.85
N ALA A 58 -1.03 4.22 11.32
CA ALA A 58 -1.54 4.05 12.68
C ALA A 58 -2.18 2.69 12.86
N SER A 59 -2.87 2.21 11.83
CA SER A 59 -3.39 0.85 11.81
C SER A 59 -2.44 -0.08 11.08
N ARG A 60 -1.39 0.48 10.50
CA ARG A 60 -0.37 -0.31 9.83
C ARG A 60 -0.98 -1.10 8.66
N THR A 61 -1.94 -0.48 7.98
CA THR A 61 -2.71 -1.18 6.96
C THR A 61 -2.96 -0.28 5.75
N VAL A 62 -2.82 -0.84 4.56
CA VAL A 62 -3.09 -0.12 3.32
C VAL A 62 -4.29 -0.70 2.59
N VAL A 63 -5.30 0.13 2.35
CA VAL A 63 -6.51 -0.31 1.68
C VAL A 63 -6.69 0.40 0.35
N VAL A 64 -6.93 -0.37 -0.71
CA VAL A 64 -7.14 0.20 -2.05
C VAL A 64 -8.54 -0.10 -2.55
N GLY A 65 -9.34 0.96 -2.73
CA GLY A 65 -10.72 0.79 -3.11
C GLY A 65 -10.89 0.38 -4.56
N GLY A 66 -11.95 -0.36 -4.84
CA GLY A 66 -12.23 -0.77 -6.21
C GLY A 66 -11.51 -2.04 -6.59
N VAL A 67 -10.47 -1.91 -7.42
CA VAL A 67 -9.67 -3.05 -7.84
C VAL A 67 -8.24 -2.64 -8.17
N SER A 68 -7.29 -3.49 -7.81
CA SER A 68 -5.88 -3.19 -8.04
C SER A 68 -5.09 -4.48 -8.25
N ASP A 69 -4.15 -4.45 -9.20
CA ASP A 69 -3.21 -5.55 -9.39
C ASP A 69 -2.36 -5.75 -8.14
N ALA A 70 -2.70 -6.78 -7.35
CA ALA A 70 -2.03 -7.01 -6.08
C ALA A 70 -0.56 -7.38 -6.28
N ALA A 71 -0.28 -8.05 -7.40
CA ALA A 71 1.09 -8.49 -7.69
C ALA A 71 2.04 -7.30 -7.77
N HIS A 72 1.59 -6.21 -8.38
CA HIS A 72 2.38 -5.00 -8.47
C HIS A 72 2.54 -4.35 -7.10
N ILE A 73 1.48 -4.36 -6.31
CA ILE A 73 1.53 -3.81 -4.96
C ILE A 73 2.53 -4.58 -4.09
N ALA A 74 2.54 -5.90 -4.24
CA ALA A 74 3.47 -6.74 -3.51
C ALA A 74 4.92 -6.41 -3.88
N GLU A 75 5.15 -6.17 -5.16
CA GLU A 75 6.47 -5.74 -5.62
C GLU A 75 6.83 -4.38 -5.03
N ILE A 76 5.85 -3.49 -4.96
CA ILE A 76 6.07 -2.16 -4.42
C ILE A 76 6.50 -2.21 -2.96
N ILE A 77 5.75 -2.96 -2.15
CA ILE A 77 6.02 -3.05 -0.73
C ILE A 77 7.37 -3.71 -0.46
N THR A 78 7.65 -4.78 -1.19
CA THR A 78 8.93 -5.47 -1.07
C THR A 78 10.09 -4.56 -1.46
N ALA A 79 9.91 -3.82 -2.55
CA ALA A 79 10.94 -2.91 -3.03
C ALA A 79 11.22 -1.80 -2.03
N ALA A 80 10.17 -1.35 -1.34
CA ALA A 80 10.31 -0.36 -0.29
C ALA A 80 10.86 -0.98 0.98
N GLY A 81 10.94 -2.32 1.00
CA GLY A 81 11.69 -3.00 2.03
C GLY A 81 10.86 -3.28 3.27
N TYR A 82 9.54 -3.24 3.11
CA TYR A 82 8.64 -3.44 4.24
C TYR A 82 8.21 -4.90 4.35
N THR A 83 7.32 -5.18 5.30
CA THR A 83 7.03 -6.56 5.68
C THR A 83 5.53 -6.84 5.64
N PRO A 84 5.03 -7.16 4.45
CA PRO A 84 3.60 -7.44 4.24
C PRO A 84 3.21 -8.84 4.70
N GLU A 85 2.26 -8.91 5.63
CA GLU A 85 1.67 -10.19 6.03
C GLU A 85 1.07 -10.90 4.84
#